data_7TZ3
#
_entry.id   7TZ3
#
_entity_poly.entity_id   1
_entity_poly.type   'polypeptide(L)'
_entity_poly.pdbx_seq_one_letter_code
;N(DTY)(DSG)QP(DSG)S(KV6)
;
_entity_poly.pdbx_strand_id   A
#
loop_
_chem_comp.id
_chem_comp.type
_chem_comp.name
_chem_comp.formula
KV6 non-polymer '(3R)-3-aminoheptadecanoic acid' 'C17 H35 N O2'
#
# COMPACT_ATOMS: atom_id res chain seq x y z
N ASN A 1 5.01 -0.44 -0.37
CA ASN A 1 4.69 -0.18 1.02
C ASN A 1 3.64 0.92 1.03
N DTY A 2 3.03 1.14 2.18
CA DTY A 2 2.02 2.15 2.33
C DTY A 2 0.80 1.53 3.00
O DTY A 2 0.48 0.36 2.77
CB DTY A 2 2.60 3.30 3.14
CG DTY A 2 3.85 3.89 2.54
CD1 DTY A 2 5.11 3.63 3.10
CD2 DTY A 2 3.80 4.70 1.41
CE1 DTY A 2 6.25 4.17 2.54
CE2 DTY A 2 4.94 5.23 0.85
CZ DTY A 2 6.17 4.96 1.42
OH DTY A 2 7.31 5.49 0.86
H DTY A 2 3.28 0.62 2.95
HA DTY A 2 1.75 2.50 1.35
HB2 DTY A 2 2.84 2.95 4.13
HB3 DTY A 2 1.88 4.08 3.20
HD1 DTY A 2 5.17 3.01 3.97
HD2 DTY A 2 2.83 4.90 0.96
HE1 DTY A 2 7.21 3.96 2.99
HE2 DTY A 2 4.87 5.85 -0.03
HH DTY A 2 7.17 6.43 0.69
N DSG A 3 0.13 2.31 3.85
CA DSG A 3 -1.11 1.90 4.53
C DSG A 3 -2.24 1.69 3.51
O DSG A 3 -3.33 1.20 3.84
CB DSG A 3 -0.86 0.65 5.39
CG DSG A 3 -2.04 0.26 6.28
OD1 DSG A 3 -2.18 0.78 7.39
ND2 DSG A 3 -2.84 -0.68 5.82
H DSG A 3 0.50 3.19 4.05
HA DSG A 3 -1.40 2.71 5.20
HB2 DSG A 3 0.00 0.82 6.01
HB3 DSG A 3 -0.66 -0.17 4.72
HD21 DSG A 3 -2.66 -1.07 4.94
HD22 DSG A 3 -3.61 -0.94 6.38
N GLN A 4 -1.98 2.10 2.28
CA GLN A 4 -2.91 1.92 1.17
C GLN A 4 -3.03 0.43 0.81
N PRO A 5 -4.01 0.05 -0.06
CA PRO A 5 -4.12 -1.32 -0.55
C PRO A 5 -2.83 -1.84 -1.17
N DSG A 6 -2.68 -3.18 -1.20
CA DSG A 6 -1.45 -3.85 -1.64
C DSG A 6 -0.73 -3.12 -2.77
O DSG A 6 -1.22 -3.04 -3.88
CB DSG A 6 -0.49 -4.12 -0.45
CG DSG A 6 -0.55 -3.02 0.61
OD1 DSG A 6 -1.27 -3.15 1.60
ND2 DSG A 6 0.20 -1.95 0.41
H DSG A 6 -3.44 -3.73 -0.92
HA DSG A 6 -1.75 -4.82 -2.02
HB2 DSG A 6 0.51 -4.19 -0.82
HB3 DSG A 6 -0.77 -5.05 0.02
HD21 DSG A 6 0.76 -1.90 -0.40
HD22 DSG A 6 0.15 -1.22 1.06
N SER A 7 0.46 -2.60 -2.45
CA SER A 7 1.21 -1.77 -3.37
C SER A 7 2.53 -1.39 -2.71
N KV6 A 8 3.60 -2.02 -3.13
CA KV6 A 8 4.75 -1.10 -3.14
CG KV6 A 8 5.22 -0.87 -4.58
C KV6 A 8 5.57 -1.56 -0.78
O KV6 A 8 5.87 -2.48 -0.02
CD KV6 A 8 5.65 -2.13 -5.31
CE KV6 A 8 6.08 -1.83 -6.73
CZ KV6 A 8 6.50 -3.09 -7.47
CH KV6 A 8 5.37 -4.09 -7.58
CQ KV6 A 8 5.76 -5.31 -8.39
CI KV6 A 8 6.11 -4.96 -9.83
CK KV6 A 8 4.96 -4.29 -10.56
CL KV6 A 8 5.31 -3.94 -11.99
CM KV6 A 8 5.58 -5.19 -12.82
CP KV6 A 8 2.39 -4.26 -15.76
CB KV6 A 8 5.88 -1.65 -2.26
CN KV6 A 8 5.91 -4.86 -14.27
CC KV6 A 8 4.77 -4.13 -14.98
CO KV6 A 8 3.50 -4.97 -15.03
H KV6 A 8 3.52 -2.69 -3.84
HA KV6 A 8 4.42 -0.16 -2.73
HG1 KV6 A 8 4.41 -0.42 -5.13
HG2 KV6 A 8 6.06 -0.20 -4.56
HD1 KV6 A 8 6.47 -2.58 -4.77
HD2 KV6 A 8 4.82 -2.82 -5.33
HE1 KV6 A 8 5.26 -1.37 -7.25
HE2 KV6 A 8 6.92 -1.15 -6.70
HZ2 KV6 A 8 7.33 -3.55 -6.95
HZ1 KV6 A 8 6.82 -2.81 -8.47
HH1 KV6 A 8 5.08 -4.40 -6.59
HH2 KV6 A 8 4.52 -3.61 -8.06
HQ2 KV6 A 8 6.61 -5.78 -7.92
HQ1 KV6 A 8 4.92 -6.00 -8.40
HI1 KV6 A 8 6.97 -4.29 -9.83
HI2 KV6 A 8 6.38 -5.86 -10.36
HK1 KV6 A 8 4.11 -4.94 -10.55
HK2 KV6 A 8 4.71 -3.36 -10.04
HL2 KV6 A 8 4.48 -3.41 -12.44
HL1 KV6 A 8 6.20 -3.32 -12.01
HM2 KV6 A 8 6.41 -5.73 -12.39
HM1 KV6 A 8 4.70 -5.82 -12.81
HP2 KV6 A 8 1.52 -4.89 -15.78
HP1 KV6 A 8 2.70 -4.05 -16.77
HP3 KV6 A 8 2.15 -3.33 -15.25
HB1 KV6 A 8 6.78 -1.07 -2.46
HB2 KV6 A 8 6.07 -2.68 -2.52
HN2 KV6 A 8 6.79 -4.24 -14.29
HN1 KV6 A 8 6.12 -5.79 -14.81
HC2 KV6 A 8 4.56 -3.21 -14.45
HC1 KV6 A 8 5.08 -3.90 -15.98
HO1 KV6 A 8 3.72 -5.89 -15.54
HO2 KV6 A 8 3.17 -5.18 -14.03
N ASN A 1 2.07 0.81 -1.04
CA ASN A 1 2.55 -0.04 0.04
C ASN A 1 2.72 0.73 1.33
N DTY A 2 1.68 0.65 2.15
CA DTY A 2 1.71 1.20 3.50
C DTY A 2 0.28 1.47 3.97
O DTY A 2 -0.48 0.55 4.26
CB DTY A 2 2.45 0.24 4.47
CG DTY A 2 1.93 -1.19 4.47
CD1 DTY A 2 2.28 -2.06 3.43
CD2 DTY A 2 1.12 -1.67 5.48
CE1 DTY A 2 1.82 -3.37 3.43
CE2 DTY A 2 0.66 -2.97 5.48
CZ DTY A 2 1.01 -3.82 4.45
OH DTY A 2 0.54 -5.12 4.44
H DTY A 2 0.87 0.22 1.83
HA DTY A 2 2.24 2.13 3.46
HB2 DTY A 2 2.34 0.62 5.48
HB3 DTY A 2 3.48 0.22 4.21
HD1 DTY A 2 2.90 -1.71 2.63
HD2 DTY A 2 0.84 -1.01 6.29
HE1 DTY A 2 2.10 -4.03 2.62
HE2 DTY A 2 0.02 -3.33 6.28
HH DTY A 2 1.30 -5.72 4.39
N DSG A 3 -0.08 2.74 3.99
CA DSG A 3 -1.42 3.18 4.38
C DSG A 3 -2.45 2.60 3.40
O DSG A 3 -3.58 2.27 3.77
CB DSG A 3 -1.72 2.78 5.83
CG DSG A 3 -2.92 3.49 6.42
OD1 DSG A 3 -2.81 4.60 6.94
ND2 DSG A 3 -4.07 2.83 6.41
H DSG A 3 0.58 3.43 3.75
HA DSG A 3 -1.45 4.26 4.31
HB2 DSG A 3 -0.85 3.00 6.44
HB3 DSG A 3 -1.90 1.72 5.87
HD21 DSG A 3 -4.09 1.94 6.01
HD22 DSG A 3 -4.86 3.28 6.78
N GLN A 4 -2.05 2.46 2.14
CA GLN A 4 -2.94 1.98 1.10
C GLN A 4 -2.80 0.48 0.92
N PRO A 5 -3.77 -0.17 0.25
CA PRO A 5 -3.73 -1.60 -0.06
C PRO A 5 -2.53 -1.98 -0.93
N DSG A 6 -2.27 -3.30 -1.05
CA DSG A 6 -1.17 -3.83 -1.87
C DSG A 6 -0.99 -3.03 -3.17
O DSG A 6 -1.97 -2.62 -3.79
CB DSG A 6 0.13 -3.87 -1.06
CG DSG A 6 1.11 -4.93 -1.56
OD1 DSG A 6 1.97 -5.39 -0.83
ND2 DSG A 6 0.95 -5.35 -2.81
H DSG A 6 -2.86 -3.92 -0.57
HA DSG A 6 -1.43 -4.86 -2.13
HB2 DSG A 6 -0.10 -4.08 -0.03
HB3 DSG A 6 0.61 -2.90 -1.13
HD21 DSG A 6 0.22 -4.96 -3.35
HD22 DSG A 6 1.57 -6.02 -3.16
N SER A 7 0.28 -2.84 -3.57
CA SER A 7 0.62 -1.99 -4.71
C SER A 7 0.21 -0.55 -4.38
N KV6 A 8 0.89 -0.03 -3.37
CA KV6 A 8 1.02 1.43 -3.54
CG KV6 A 8 2.45 1.82 -3.92
C KV6 A 8 0.93 1.48 -1.00
O KV6 A 8 0.23 1.56 0.00
CD KV6 A 8 2.96 1.16 -5.20
CE KV6 A 8 4.30 1.71 -5.64
CZ KV6 A 8 5.38 1.47 -4.60
CH KV6 A 8 6.72 2.01 -5.06
CQ KV6 A 8 7.81 1.82 -4.01
CI KV6 A 8 9.14 2.37 -4.50
CK KV6 A 8 9.05 3.87 -4.80
CL KV6 A 8 10.36 4.41 -5.36
CM KV6 A 8 10.76 3.75 -6.67
CP KV6 A 8 7.80 2.53 -9.75
CB KV6 A 8 0.53 2.18 -2.29
CN KV6 A 8 9.68 3.92 -7.73
CC KV6 A 8 10.09 3.27 -9.04
CO KV6 A 8 8.99 3.39 -10.10
H KV6 A 8 1.64 -0.54 -2.97
HA KV6 A 8 0.39 1.69 -4.36
HG1 KV6 A 8 2.49 2.89 -4.06
HG2 KV6 A 8 3.12 1.56 -3.12
HD1 KV6 A 8 3.04 0.10 -5.03
HD2 KV6 A 8 2.23 1.35 -5.98
HE1 KV6 A 8 4.59 1.22 -6.55
HE2 KV6 A 8 4.21 2.77 -5.81
HZ2 KV6 A 8 5.48 0.40 -4.43
HZ1 KV6 A 8 5.10 1.95 -3.68
HH1 KV6 A 8 7.01 1.51 -5.97
HH2 KV6 A 8 6.60 3.07 -5.25
HQ2 KV6 A 8 7.52 2.34 -3.11
HQ1 KV6 A 8 7.91 0.77 -3.81
HI1 KV6 A 8 9.88 2.21 -3.74
HI2 KV6 A 8 9.42 1.85 -5.40
HK1 KV6 A 8 8.27 4.04 -5.52
HK2 KV6 A 8 8.82 4.39 -3.88
HL2 KV6 A 8 10.25 5.47 -5.52
HL1 KV6 A 8 11.15 4.25 -4.63
HM2 KV6 A 8 11.67 4.19 -7.02
HM1 KV6 A 8 10.91 2.69 -6.49
HP2 KV6 A 8 7.37 2.87 -8.81
HP1 KV6 A 8 8.09 1.50 -9.67
HP3 KV6 A 8 7.05 2.62 -10.53
HB1 KV6 A 8 0.93 3.17 -2.30
HB2 KV6 A 8 -0.56 2.23 -2.33
HN2 KV6 A 8 8.76 3.47 -7.39
HN1 KV6 A 8 9.52 4.98 -7.90
HC2 KV6 A 8 10.98 3.77 -9.41
HC1 KV6 A 8 10.30 2.23 -8.87
HO1 KV6 A 8 8.67 4.41 -10.16
HO2 KV6 A 8 9.38 3.05 -11.05
N ASN A 1 4.27 1.07 -2.23
CA ASN A 1 4.23 2.44 -1.74
C ASN A 1 2.81 2.88 -1.42
N DTY A 2 2.63 3.43 -0.23
CA DTY A 2 1.36 4.00 0.17
C DTY A 2 0.76 3.17 1.30
O DTY A 2 0.81 1.94 1.25
CB DTY A 2 1.56 5.49 0.55
CG DTY A 2 2.65 5.75 1.57
CD1 DTY A 2 3.98 5.88 1.18
CD2 DTY A 2 2.35 5.88 2.93
CE1 DTY A 2 4.97 6.13 2.10
CE2 DTY A 2 3.34 6.12 3.85
CZ DTY A 2 4.65 6.25 3.44
OH DTY A 2 5.64 6.49 4.37
H DTY A 2 3.37 3.43 0.42
HA DTY A 2 0.70 3.95 -0.68
HB2 DTY A 2 0.63 5.89 0.92
HB3 DTY A 2 1.83 6.03 -0.36
HD1 DTY A 2 4.23 5.78 0.14
HD2 DTY A 2 1.33 5.78 3.25
HE1 DTY A 2 6.00 6.23 1.78
HE2 DTY A 2 3.09 6.21 4.90
HH DTY A 2 5.48 5.94 5.14
N DSG A 3 0.18 3.83 2.31
CA DSG A 3 -0.56 3.19 3.41
C DSG A 3 -1.92 2.65 2.93
O DSG A 3 -2.90 2.63 3.68
CB DSG A 3 0.26 2.06 4.06
CG DSG A 3 -0.46 1.41 5.23
OD1 DSG A 3 -1.20 0.44 5.06
ND2 DSG A 3 -0.23 1.93 6.42
H DSG A 3 0.26 4.80 2.32
HA DSG A 3 -0.74 3.94 4.16
HB2 DSG A 3 1.19 2.46 4.41
HB3 DSG A 3 0.46 1.30 3.31
HD21 DSG A 3 0.39 2.69 6.48
HD22 DSG A 3 -0.67 1.53 7.20
N GLN A 4 -1.96 2.24 1.68
CA GLN A 4 -3.16 1.71 1.07
C GLN A 4 -2.97 0.22 0.83
N PRO A 5 -4.01 -0.52 0.37
CA PRO A 5 -3.88 -1.91 -0.07
C PRO A 5 -2.63 -2.12 -0.94
N DSG A 6 -2.14 -3.36 -0.95
CA DSG A 6 -0.88 -3.75 -1.64
C DSG A 6 -0.61 -2.92 -2.89
O DSG A 6 -1.28 -3.09 -3.92
CB DSG A 6 0.32 -3.75 -0.67
CG DSG A 6 0.37 -2.57 0.29
OD1 DSG A 6 -0.26 -2.58 1.34
ND2 DSG A 6 1.18 -1.56 -0.03
H DSG A 6 -2.63 -4.06 -0.46
HA DSG A 6 -1.02 -4.76 -1.96
HB2 DSG A 6 1.22 -3.76 -1.25
HB3 DSG A 6 0.29 -4.65 -0.07
HD21 DSG A 6 1.71 -1.64 -0.84
HD22 DSG A 6 1.21 -0.79 0.57
N SER A 7 0.37 -2.03 -2.82
CA SER A 7 0.66 -1.13 -3.93
C SER A 7 2.10 -0.64 -3.82
N KV6 A 8 2.95 -1.48 -3.24
CA KV6 A 8 4.28 -1.32 -3.87
CG KV6 A 8 4.63 -2.56 -4.68
C KV6 A 8 5.42 0.39 -2.30
O KV6 A 8 6.49 0.88 -1.94
CD KV6 A 8 3.68 -2.82 -5.85
CE KV6 A 8 4.00 -4.13 -6.56
CZ KV6 A 8 3.08 -4.36 -7.75
CH KV6 A 8 1.61 -4.41 -7.36
CQ KV6 A 8 1.31 -5.56 -6.40
CI KV6 A 8 -0.15 -5.56 -5.98
CK KV6 A 8 -0.46 -6.70 -5.03
CL KV6 A 8 -1.92 -6.68 -4.57
CM KV6 A 8 -2.88 -6.81 -5.75
CP KV6 A 8 -6.01 -8.30 -8.51
CB KV6 A 8 5.35 -1.05 -2.80
CN KV6 A 8 -2.72 -8.14 -6.48
CC KV6 A 8 -3.64 -8.24 -7.69
CO KV6 A 8 -5.11 -8.18 -7.31
H KV6 A 8 2.65 -2.37 -2.99
HA KV6 A 8 4.23 -0.47 -4.54
HG1 KV6 A 8 5.62 -2.45 -5.09
HG2 KV6 A 8 4.60 -3.42 -4.04
HD1 KV6 A 8 2.67 -2.87 -5.47
HD2 KV6 A 8 3.75 -2.00 -6.55
HE1 KV6 A 8 5.02 -4.09 -6.91
HE2 KV6 A 8 3.89 -4.95 -5.87
HZ2 KV6 A 8 3.34 -5.30 -8.21
HZ1 KV6 A 8 3.21 -3.56 -8.47
HH1 KV6 A 8 1.35 -3.47 -6.87
HH2 KV6 A 8 1.01 -4.53 -8.24
HQ2 KV6 A 8 1.53 -6.49 -6.89
HQ1 KV6 A 8 1.93 -5.45 -5.52
HI1 KV6 A 8 -0.37 -4.62 -5.49
HI2 KV6 A 8 -0.76 -5.66 -6.86
HK1 KV6 A 8 -0.26 -7.64 -5.52
HK2 KV6 A 8 0.17 -6.61 -4.15
HL2 KV6 A 8 -2.09 -7.51 -3.90
HL1 KV6 A 8 -2.12 -5.75 -4.07
HM2 KV6 A 8 -3.90 -6.73 -5.38
HM1 KV6 A 8 -2.69 -6.01 -6.45
HP2 KV6 A 8 -7.04 -8.25 -8.19
HP1 KV6 A 8 -5.83 -9.25 -9.00
HP3 KV6 A 8 -5.80 -7.51 -9.20
HB1 KV6 A 8 6.32 -1.28 -3.23
HB2 KV6 A 8 5.18 -1.70 -1.96
HN2 KV6 A 8 -1.70 -8.24 -6.79
HN1 KV6 A 8 -2.97 -8.94 -5.79
HC2 KV6 A 8 -3.42 -7.43 -8.36
HC1 KV6 A 8 -3.45 -9.18 -8.18
HO1 KV6 A 8 -5.34 -8.99 -6.63
HO2 KV6 A 8 -5.31 -7.23 -6.83
N ASN A 1 1.13 0.53 -0.92
CA ASN A 1 1.97 -0.21 0.04
C ASN A 1 2.20 0.56 1.34
N DTY A 2 1.30 0.38 2.28
CA DTY A 2 1.45 0.90 3.62
C DTY A 2 0.12 1.44 4.12
O DTY A 2 -0.75 0.69 4.56
CB DTY A 2 2.02 -0.18 4.57
CG DTY A 2 1.35 -1.54 4.44
CD1 DTY A 2 1.62 -2.38 3.36
CD2 DTY A 2 0.44 -1.98 5.39
CE1 DTY A 2 1.02 -3.62 3.24
CE2 DTY A 2 -0.17 -3.23 5.27
CZ DTY A 2 0.13 -4.03 4.20
OH DTY A 2 -0.48 -5.26 4.08
H DTY A 2 0.47 -0.10 2.06
HA DTY A 2 2.16 1.71 3.58
HB2 DTY A 2 1.90 0.15 5.58
HB3 DTY A 2 3.07 -0.32 4.36
HD1 DTY A 2 2.33 -2.05 2.61
HD2 DTY A 2 0.21 -1.35 6.23
HE1 DTY A 2 1.26 -4.25 2.40
HE2 DTY A 2 -0.87 -3.55 6.03
HH DTY A 2 0.14 -5.90 3.70
N DSG A 3 -0.03 2.76 4.00
CA DSG A 3 -1.30 3.43 4.28
C DSG A 3 -2.37 2.88 3.34
O DSG A 3 -3.53 2.72 3.70
CB DSG A 3 -1.70 3.27 5.75
CG DSG A 3 -2.84 4.19 6.15
OD1 DSG A 3 -2.98 5.29 5.61
ND2 DSG A 3 -3.65 3.75 7.10
H DSG A 3 0.73 3.29 3.71
HA DSG A 3 -1.16 4.48 4.07
HB2 DSG A 3 -0.84 3.47 6.37
HB3 DSG A 3 -2.01 2.24 5.91
HD21 DSG A 3 -3.48 2.86 7.49
HD22 DSG A 3 -4.39 4.33 7.39
N GLN A 4 -1.94 2.59 2.12
CA GLN A 4 -2.80 2.02 1.10
C GLN A 4 -2.58 0.51 1.00
N PRO A 5 -3.53 -0.22 0.39
CA PRO A 5 -3.40 -1.65 0.10
C PRO A 5 -2.22 -1.98 -0.79
N DSG A 6 -1.91 -3.28 -0.91
CA DSG A 6 -0.87 -3.80 -1.81
C DSG A 6 -0.82 -2.98 -3.12
O DSG A 6 -1.87 -2.59 -3.64
CB DSG A 6 0.50 -3.82 -1.10
CG DSG A 6 1.57 -4.52 -1.91
OD1 DSG A 6 2.75 -4.21 -1.80
ND2 DSG A 6 1.16 -5.46 -2.75
H DSG A 6 -2.41 -3.93 -0.37
HA DSG A 6 -1.13 -4.81 -2.06
HB2 DSG A 6 0.39 -4.33 -0.16
HB3 DSG A 6 0.81 -2.80 -0.92
HD21 DSG A 6 0.20 -5.66 -2.80
HD22 DSG A 6 1.83 -5.89 -3.33
N SER A 7 0.38 -2.75 -3.67
CA SER A 7 0.54 -1.89 -4.83
C SER A 7 0.13 -0.47 -4.44
N KV6 A 8 0.96 0.13 -3.59
CA KV6 A 8 0.89 1.59 -3.75
CG KV6 A 8 2.21 2.14 -4.31
C KV6 A 8 1.40 1.76 -1.30
O KV6 A 8 2.35 2.43 -0.88
CD KV6 A 8 2.52 1.65 -5.71
CE KV6 A 8 3.82 2.25 -6.23
CZ KV6 A 8 4.10 1.82 -7.66
CH KV6 A 8 4.27 0.31 -7.77
CQ KV6 A 8 4.44 -0.13 -9.22
CI KV6 A 8 5.68 0.47 -9.86
CK KV6 A 8 5.78 0.11 -11.33
CL KV6 A 8 4.62 0.69 -12.12
CM KV6 A 8 4.69 0.32 -13.59
CP KV6 A 8 1.03 2.69 -14.50
CB KV6 A 8 0.53 2.26 -2.43
CN KV6 A 8 3.53 0.89 -14.38
CC KV6 A 8 3.52 2.42 -14.36
CO KV6 A 8 2.37 2.99 -15.15
H KV6 A 8 1.81 -0.29 -3.39
HA KV6 A 8 0.10 1.79 -4.44
HG1 KV6 A 8 2.16 3.21 -4.33
HG2 KV6 A 8 3.01 1.83 -3.65
HD1 KV6 A 8 2.62 0.57 -5.68
HD2 KV6 A 8 1.72 1.92 -6.37
HE1 KV6 A 8 3.74 3.32 -6.20
HE2 KV6 A 8 4.64 1.93 -5.60
HZ2 KV6 A 8 5.00 2.30 -8.00
HZ1 KV6 A 8 3.27 2.12 -8.28
HH1 KV6 A 8 5.15 0.02 -7.22
HH2 KV6 A 8 3.41 -0.18 -7.35
HQ2 KV6 A 8 4.50 -1.21 -9.25
HQ1 KV6 A 8 3.57 0.19 -9.78
HI1 KV6 A 8 5.64 1.54 -9.77
HI2 KV6 A 8 6.56 0.08 -9.35
HK1 KV6 A 8 6.70 0.50 -11.74
HK2 KV6 A 8 5.76 -0.97 -11.44
HL2 KV6 A 8 3.69 0.32 -11.72
HL1 KV6 A 8 4.64 1.77 -12.04
HM2 KV6 A 8 5.61 0.70 -14.00
HM1 KV6 A 8 4.68 -0.76 -13.68
HP2 KV6 A 8 1.01 3.11 -13.51
HP1 KV6 A 8 0.88 1.63 -14.44
HP3 KV6 A 8 0.24 3.14 -15.09
HB1 KV6 A 8 0.65 3.33 -2.52
HB2 KV6 A 8 -0.50 2.03 -2.18
HN2 KV6 A 8 3.60 0.56 -15.40
HN1 KV6 A 8 2.60 0.54 -13.95
HC2 KV6 A 8 3.45 2.75 -13.33
HC1 KV6 A 8 4.45 2.77 -14.78
HO1 KV6 A 8 2.47 4.06 -15.22
HO2 KV6 A 8 2.37 2.56 -16.14
N ASN A 1 3.54 0.04 -1.01
CA ASN A 1 3.04 0.99 -0.04
C ASN A 1 2.72 0.26 1.25
N DTY A 2 1.74 0.77 1.99
CA DTY A 2 1.38 0.25 3.31
C DTY A 2 0.18 1.03 3.82
O DTY A 2 -0.69 0.48 4.48
CB DTY A 2 1.03 -1.24 3.23
CG DTY A 2 1.70 -2.07 4.30
CD1 DTY A 2 3.04 -2.42 4.18
CD2 DTY A 2 1.00 -2.51 5.41
CE1 DTY A 2 3.66 -3.20 5.14
CE2 DTY A 2 1.62 -3.28 6.38
CZ DTY A 2 2.95 -3.62 6.23
OH DTY A 2 3.57 -4.40 7.19
H DTY A 2 1.24 1.53 1.63
HA DTY A 2 2.22 0.38 3.97
HB2 DTY A 2 1.34 -1.62 2.27
HB3 DTY A 2 -0.03 -1.35 3.35
HD1 DTY A 2 3.59 -2.09 3.31
HD2 DTY A 2 -0.03 -2.24 5.52
HE1 DTY A 2 4.70 -3.46 5.02
HE2 DTY A 2 1.06 -3.62 7.24
HH DTY A 2 4.45 -4.06 7.35
N DSG A 3 0.17 2.33 3.52
CA DSG A 3 -0.97 3.20 3.83
C DSG A 3 -2.22 2.69 3.10
O DSG A 3 -3.30 2.59 3.66
CB DSG A 3 -1.20 3.26 5.34
CG DSG A 3 -2.23 4.32 5.74
OD1 DSG A 3 -2.36 5.35 5.08
ND2 DSG A 3 -2.96 4.06 6.80
H DSG A 3 0.95 2.72 3.09
HA DSG A 3 -0.74 4.18 3.48
HB2 DSG A 3 -0.27 3.50 5.84
HB3 DSG A 3 -1.55 2.30 5.69
HD21 DSG A 3 -2.80 3.22 7.29
HD22 DSG A 3 -3.64 4.73 7.07
N GLN A 4 -2.03 2.34 1.83
CA GLN A 4 -3.11 1.85 1.00
C GLN A 4 -2.99 0.34 0.79
N PRO A 5 -4.04 -0.33 0.24
CA PRO A 5 -4.00 -1.77 -0.06
C PRO A 5 -2.80 -2.17 -0.93
N DSG A 6 -2.53 -3.49 -0.97
CA DSG A 6 -1.37 -4.07 -1.67
C DSG A 6 -0.96 -3.28 -2.92
O DSG A 6 -1.65 -3.29 -3.92
CB DSG A 6 -0.18 -4.29 -0.70
CG DSG A 6 0.22 -3.03 0.05
OD1 DSG A 6 -0.42 -2.65 1.03
ND2 DSG A 6 1.33 -2.42 -0.35
H DSG A 6 -3.15 -4.10 -0.52
HA DSG A 6 -1.67 -5.05 -2.02
HB2 DSG A 6 0.67 -4.64 -1.27
HB3 DSG A 6 -0.46 -5.04 0.02
HD21 DSG A 6 1.84 -2.82 -1.09
HD22 DSG A 6 1.58 -1.58 0.08
N SER A 7 0.17 -2.58 -2.82
CA SER A 7 0.63 -1.65 -3.83
C SER A 7 1.97 -1.04 -3.42
N KV6 A 8 2.96 -1.88 -3.09
CA KV6 A 8 4.23 -1.27 -3.47
CG KV6 A 8 4.88 -2.05 -4.62
C KV6 A 8 4.84 -0.17 -1.22
O KV6 A 8 5.71 0.44 -0.60
CD KV6 A 8 4.08 -2.01 -5.92
CE KV6 A 8 3.88 -0.60 -6.41
CZ KV6 A 8 3.09 -0.56 -7.71
CH KV6 A 8 3.85 -1.23 -8.85
CQ KV6 A 8 5.14 -0.49 -9.18
CI KV6 A 8 5.89 -1.14 -10.32
CK KV6 A 8 7.15 -0.38 -10.67
CL KV6 A 8 8.12 -0.34 -9.51
CM KV6 A 8 9.38 0.46 -9.83
CP KV6 A 8 9.46 4.88 -9.23
CB KV6 A 8 5.20 -1.21 -2.27
CN KV6 A 8 9.06 1.93 -10.12
CC KV6 A 8 8.43 2.61 -8.90
CO KV6 A 8 8.18 4.08 -9.15
H KV6 A 8 2.84 -2.84 -3.19
HA KV6 A 8 4.03 -0.27 -3.80
HG1 KV6 A 8 5.85 -1.63 -4.82
HG2 KV6 A 8 4.99 -3.09 -4.32
HD1 KV6 A 8 4.60 -2.58 -6.67
HD2 KV6 A 8 3.10 -2.46 -5.74
HE1 KV6 A 8 3.33 -0.04 -5.66
HE2 KV6 A 8 4.85 -0.13 -6.56
HZ2 KV6 A 8 2.90 0.47 -7.98
HZ1 KV6 A 8 2.16 -1.07 -7.57
HH1 KV6 A 8 4.08 -2.24 -8.56
HH2 KV6 A 8 3.22 -1.24 -9.73
HQ2 KV6 A 8 4.90 0.53 -9.45
HQ1 KV6 A 8 5.77 -0.50 -8.30
HI1 KV6 A 8 6.15 -2.15 -10.04
HI2 KV6 A 8 5.24 -1.17 -11.19
HK1 KV6 A 8 7.64 -0.86 -11.52
HK2 KV6 A 8 6.88 0.63 -10.94
HL2 KV6 A 8 7.64 0.11 -8.65
HL1 KV6 A 8 8.42 -1.36 -9.27
HM2 KV6 A 8 10.06 0.41 -9.00
HM1 KV6 A 8 9.84 0.04 -10.72
HP2 KV6 A 8 10.08 4.50 -10.03
HP1 KV6 A 8 10.00 4.79 -8.29
HP3 KV6 A 8 9.24 5.93 -9.41
HB1 KV6 A 8 5.21 -2.18 -1.80
HB2 KV6 A 8 6.18 -0.99 -2.64
HN2 KV6 A 8 9.99 2.44 -10.36
HN1 KV6 A 8 8.38 1.99 -10.94
HC2 KV6 A 8 7.49 2.13 -8.68
HC1 KV6 A 8 9.09 2.51 -8.06
HO1 KV6 A 8 7.65 4.21 -10.08
HO2 KV6 A 8 7.58 4.48 -8.34
N ASN A 1 1.52 2.80 -0.74
CA ASN A 1 2.66 2.90 0.17
C ASN A 1 2.27 2.63 1.62
N DTY A 2 1.92 1.38 1.91
CA DTY A 2 1.71 0.94 3.28
C DTY A 2 0.29 1.28 3.75
O DTY A 2 -0.54 0.37 3.91
CB DTY A 2 1.95 -0.55 3.40
CG DTY A 2 3.38 -0.96 3.13
CD1 DTY A 2 3.81 -1.24 1.84
CD2 DTY A 2 4.30 -1.07 4.17
CE1 DTY A 2 5.12 -1.63 1.60
CE2 DTY A 2 5.60 -1.44 3.94
CZ DTY A 2 6.01 -1.72 2.64
OH DTY A 2 7.31 -2.11 2.41
H DTY A 2 1.82 0.74 1.19
HA DTY A 2 2.41 1.46 3.92
HB2 DTY A 2 1.32 -1.07 2.69
HB3 DTY A 2 1.70 -0.88 4.40
HD1 DTY A 2 3.11 -1.16 1.03
HD2 DTY A 2 3.98 -0.84 5.18
HE1 DTY A 2 5.44 -1.84 0.60
HE2 DTY A 2 6.30 -1.52 4.75
HH DTY A 2 7.55 -2.81 3.05
N DSG A 3 0.03 2.56 3.98
CA DSG A 3 -1.26 3.03 4.49
C DSG A 3 -2.38 2.56 3.57
O DSG A 3 -3.45 2.15 4.00
CB DSG A 3 -1.48 2.51 5.91
CG DSG A 3 -2.57 3.29 6.65
OD1 DSG A 3 -3.75 2.96 6.58
ND2 DSG A 3 -2.16 4.31 7.39
H DSG A 3 0.73 3.21 3.80
HA DSG A 3 -1.24 4.10 4.50
HB2 DSG A 3 -0.56 2.60 6.47
HB3 DSG A 3 -1.77 1.48 5.87
HD21 DSG A 3 -1.20 4.51 7.42
HD22 DSG A 3 -2.84 4.83 7.87
N GLN A 4 -2.12 2.61 2.27
CA GLN A 4 -3.06 2.12 1.28
C GLN A 4 -2.77 0.66 0.94
N PRO A 5 -3.75 -0.06 0.37
CA PRO A 5 -3.64 -1.49 0.00
C PRO A 5 -2.38 -1.84 -0.81
N DSG A 6 -2.15 -3.15 -0.93
CA DSG A 6 -1.03 -3.71 -1.68
C DSG A 6 -0.71 -2.90 -2.96
O DSG A 6 -1.63 -2.50 -3.68
CB DSG A 6 0.21 -3.87 -0.79
CG DSG A 6 1.31 -4.71 -1.43
OD1 DSG A 6 2.49 -4.52 -1.15
ND2 DSG A 6 0.93 -5.62 -2.32
H DSG A 6 -2.75 -3.77 -0.48
HA DSG A 6 -1.32 -4.70 -2.00
HB2 DSG A 6 -0.08 -4.34 0.13
HB3 DSG A 6 0.60 -2.89 -0.58
HD21 DSG A 6 -0.02 -5.71 -2.51
HD22 DSG A 6 1.62 -6.14 -2.77
N SER A 7 0.57 -2.68 -3.23
CA SER A 7 1.03 -2.04 -4.46
C SER A 7 0.69 -0.54 -4.45
N KV6 A 8 0.77 0.04 -3.26
CA KV6 A 8 -0.21 1.05 -2.84
CG KV6 A 8 -1.47 1.03 -3.70
C KV6 A 8 1.67 2.49 -2.02
O KV6 A 8 2.77 2.28 -2.52
CD KV6 A 8 -2.61 1.80 -3.06
CE KV6 A 8 -3.86 1.82 -3.93
CZ KV6 A 8 -4.42 0.42 -4.16
CH KV6 A 8 -5.74 0.49 -4.91
CQ KV6 A 8 -6.30 -0.90 -5.16
CI KV6 A 8 -7.68 -0.81 -5.80
CK KV6 A 8 -8.25 -2.19 -6.11
CL KV6 A 8 -9.69 -2.10 -6.59
CM KV6 A 8 -9.81 -1.26 -7.86
CP KV6 A 8 -10.80 -0.06 -12.00
CB KV6 A 8 0.41 2.43 -2.84
CN KV6 A 8 -11.26 -1.14 -8.31
CC KV6 A 8 -11.39 -0.28 -9.56
CO KV6 A 8 -10.63 -0.89 -10.74
H KV6 A 8 1.08 -0.52 -2.53
HA KV6 A 8 -0.49 0.81 -1.83
HG1 KV6 A 8 -1.24 1.49 -4.64
HG2 KV6 A 8 -1.79 0.01 -3.86
HD1 KV6 A 8 -2.84 1.32 -2.12
HD2 KV6 A 8 -2.29 2.81 -2.89
HE1 KV6 A 8 -4.61 2.42 -3.44
HE2 KV6 A 8 -3.61 2.26 -4.89
HZ2 KV6 A 8 -4.58 -0.05 -3.20
HZ1 KV6 A 8 -3.71 -0.15 -4.74
HH1 KV6 A 8 -6.44 1.04 -4.31
HH2 KV6 A 8 -5.58 0.98 -5.85
HQ2 KV6 A 8 -5.64 -1.44 -5.83
HQ1 KV6 A 8 -6.38 -1.43 -4.23
HI1 KV6 A 8 -8.34 -0.31 -5.13
HI2 KV6 A 8 -7.60 -0.26 -6.73
HK1 KV6 A 8 -7.65 -2.66 -6.88
HK2 KV6 A 8 -8.21 -2.79 -5.22
HL2 KV6 A 8 -10.05 -3.10 -6.80
HL1 KV6 A 8 -10.29 -1.65 -5.82
HM2 KV6 A 8 -9.42 -0.28 -7.66
HM1 KV6 A 8 -9.23 -1.72 -8.64
HP2 KV6 A 8 -10.26 -0.54 -12.81
HP1 KV6 A 8 -10.42 0.93 -11.83
HP3 KV6 A 8 -11.85 -0.01 -12.25
HB1 KV6 A 8 0.65 2.70 -3.86
HB2 KV6 A 8 -0.30 3.11 -2.45
HN2 KV6 A 8 -11.64 -2.13 -8.52
HN1 KV6 A 8 -11.83 -0.69 -7.51
HC2 KV6 A 8 -12.43 -0.20 -9.82
HC1 KV6 A 8 -10.98 0.70 -9.36
HO1 KV6 A 8 -9.58 -0.93 -10.50
HO2 KV6 A 8 -11.01 -1.88 -10.92
N ASN A 1 4.95 -1.81 2.56
CA ASN A 1 4.69 -0.96 3.71
C ASN A 1 4.06 0.37 3.29
N DTY A 2 2.85 0.62 3.79
CA DTY A 2 2.15 1.86 3.56
C DTY A 2 0.65 1.58 3.73
O DTY A 2 0.17 0.51 3.35
CB DTY A 2 2.65 2.94 4.53
CG DTY A 2 2.36 2.67 6.00
CD1 DTY A 2 2.92 1.57 6.65
CD2 DTY A 2 1.52 3.49 6.74
CE1 DTY A 2 2.67 1.31 7.98
CE2 DTY A 2 1.25 3.23 8.08
CZ DTY A 2 1.84 2.14 8.68
OH DTY A 2 1.57 1.87 10.01
H DTY A 2 2.41 -0.06 4.33
HA DTY A 2 2.33 2.18 2.54
HB2 DTY A 2 2.19 3.90 4.28
HB3 DTY A 2 3.72 3.03 4.44
HD1 DTY A 2 3.58 0.91 6.09
HD2 DTY A 2 1.07 4.34 6.26
HE1 DTY A 2 3.13 0.46 8.46
HE2 DTY A 2 0.61 3.88 8.63
HH DTY A 2 0.63 2.01 10.19
N DSG A 3 -0.07 2.55 4.28
CA DSG A 3 -1.51 2.44 4.60
C DSG A 3 -2.38 2.50 3.34
O DSG A 3 -3.47 3.08 3.36
CB DSG A 3 -1.80 1.16 5.40
CG DSG A 3 -3.27 1.03 5.76
OD1 DSG A 3 -4.05 0.45 5.02
ND2 DSG A 3 -3.64 1.54 6.92
H DSG A 3 0.38 3.39 4.49
HA DSG A 3 -1.76 3.28 5.22
HB2 DSG A 3 -1.21 1.18 6.31
HB3 DSG A 3 -1.51 0.31 4.80
HD21 DSG A 3 -2.95 1.98 7.48
HD22 DSG A 3 -4.57 1.45 7.19
N GLN A 4 -1.89 1.92 2.28
CA GLN A 4 -2.60 1.87 1.01
C GLN A 4 -3.04 0.43 0.77
N PRO A 5 -3.69 0.11 -0.37
CA PRO A 5 -3.83 -1.26 -0.81
C PRO A 5 -2.45 -1.90 -0.96
N DSG A 6 -2.39 -3.25 -1.03
CA DSG A 6 -1.13 -4.01 -1.06
C DSG A 6 0.02 -3.24 -1.74
O DSG A 6 0.04 -3.08 -2.96
CB DSG A 6 -0.72 -4.49 0.36
CG DSG A 6 -0.59 -3.37 1.40
OD1 DSG A 6 -1.59 -2.90 1.94
ND2 DSG A 6 0.64 -3.00 1.75
H DSG A 6 -3.23 -3.74 -1.07
HA DSG A 6 -1.31 -4.88 -1.65
HB2 DSG A 6 0.22 -5.01 0.31
HB3 DSG A 6 -1.47 -5.18 0.71
HD21 DSG A 6 1.39 -3.48 1.34
HD22 DSG A 6 0.74 -2.25 2.38
N SER A 7 0.97 -2.78 -0.95
CA SER A 7 2.08 -1.97 -1.41
C SER A 7 3.24 -2.08 -0.43
N KV6 A 8 3.59 -3.33 -0.11
CA KV6 A 8 5.03 -3.36 0.11
CG KV6 A 8 5.70 -4.17 -1.00
C KV6 A 8 4.89 -3.13 2.66
O KV6 A 8 4.49 -3.69 3.68
CD KV6 A 8 5.12 -5.56 -1.17
CE KV6 A 8 5.96 -6.42 -2.11
CZ KV6 A 8 7.32 -6.75 -1.51
CH KV6 A 8 7.17 -7.52 -0.21
CQ KV6 A 8 8.52 -7.88 0.40
CI KV6 A 8 8.36 -8.65 1.70
CK KV6 A 8 7.67 -7.82 2.77
CL KV6 A 8 7.37 -8.63 4.02
CM KV6 A 8 8.64 -9.20 4.65
CP KV6 A 8 8.29 -12.50 7.57
CB KV6 A 8 5.35 -3.95 1.47
CN KV6 A 8 8.31 -9.97 5.90
CC KV6 A 8 9.57 -10.59 6.52
CO KV6 A 8 9.24 -11.34 7.81
H KV6 A 8 3.15 -4.09 -0.52
HA KV6 A 8 5.39 -2.34 0.07
HG1 KV6 A 8 5.59 -3.63 -1.93
HG2 KV6 A 8 6.75 -4.26 -0.77
HD1 KV6 A 8 5.07 -6.05 -0.21
HD2 KV6 A 8 4.13 -5.47 -1.58
HE1 KV6 A 8 5.44 -7.34 -2.30
HE2 KV6 A 8 6.11 -5.88 -3.03
HZ2 KV6 A 8 7.85 -5.83 -1.31
HZ1 KV6 A 8 7.88 -7.35 -2.21
HH1 KV6 A 8 6.63 -6.92 0.50
HH2 KV6 A 8 6.63 -8.44 -0.41
HQ2 KV6 A 8 9.07 -8.50 -0.30
HQ1 KV6 A 8 9.07 -6.98 0.60
HI1 KV6 A 8 7.76 -9.53 1.51
HI2 KV6 A 8 9.33 -8.95 2.06
HK1 KV6 A 8 8.32 -6.98 3.03
HK2 KV6 A 8 6.74 -7.43 2.38
HL2 KV6 A 8 6.89 -7.98 4.74
HL1 KV6 A 8 6.71 -9.44 3.77
HM2 KV6 A 8 9.12 -9.85 3.93
HM1 KV6 A 8 9.30 -8.38 4.90
HP2 KV6 A 8 7.35 -12.12 7.19
HP1 KV6 A 8 8.13 -13.03 8.50
HP3 KV6 A 8 8.73 -13.18 6.85
HB1 KV6 A 8 4.91 -4.93 1.52
HB2 KV6 A 8 6.42 -4.07 1.53
HN2 KV6 A 8 7.86 -9.32 6.62
HN1 KV6 A 8 7.62 -10.77 5.66
HC2 KV6 A 8 10.01 -11.28 5.81
HC1 KV6 A 8 10.27 -9.80 6.74
HO1 KV6 A 8 10.16 -11.73 8.23
HO2 KV6 A 8 8.78 -10.67 8.51
N ASN A 1 3.24 1.22 -0.96
CA ASN A 1 2.64 2.49 -0.53
C ASN A 1 2.28 2.45 0.96
N DTY A 2 2.40 1.27 1.54
CA DTY A 2 2.18 1.05 2.95
C DTY A 2 0.71 1.15 3.35
O DTY A 2 0.04 0.13 3.57
CB DTY A 2 2.75 -0.31 3.37
CG DTY A 2 4.24 -0.43 3.21
CD1 DTY A 2 4.78 -0.94 2.05
CD2 DTY A 2 5.10 -0.05 4.22
CE1 DTY A 2 6.15 -1.06 1.89
CE2 DTY A 2 6.47 -0.16 4.08
CZ DTY A 2 6.99 -0.67 2.91
OH DTY A 2 8.36 -0.79 2.75
H DTY A 2 2.64 0.51 0.98
HA DTY A 2 2.73 1.82 3.49
HB2 DTY A 2 2.28 -1.08 2.78
HB3 DTY A 2 2.51 -0.47 4.42
HD1 DTY A 2 4.13 -1.24 1.24
HD2 DTY A 2 4.70 0.36 5.15
HE1 DTY A 2 6.56 -1.46 0.98
HE2 DTY A 2 7.13 0.15 4.88
HH DTY A 2 8.61 -0.45 1.89
N DSG A 3 0.22 2.38 3.41
CA DSG A 3 -1.11 2.68 3.95
C DSG A 3 -2.21 2.07 3.08
O DSG A 3 -2.97 1.21 3.52
CB DSG A 3 -1.24 2.19 5.39
CG DSG A 3 -2.49 2.68 6.09
OD1 DSG A 3 -3.54 2.03 6.07
ND2 DSG A 3 -2.40 3.85 6.71
H DSG A 3 0.76 3.12 3.07
HA DSG A 3 -1.23 3.74 3.95
HB2 DSG A 3 -0.38 2.53 5.95
HB3 DSG A 3 -1.25 1.11 5.39
HD21 DSG A 3 -1.54 4.32 6.70
HD22 DSG A 3 -3.20 4.19 7.17
N GLN A 4 -2.27 2.51 1.83
CA GLN A 4 -3.27 2.01 0.89
C GLN A 4 -3.07 0.52 0.64
N PRO A 5 -4.09 -0.18 0.08
CA PRO A 5 -4.00 -1.62 -0.24
C PRO A 5 -2.71 -1.97 -0.98
N DSG A 6 -2.32 -3.26 -0.89
CA DSG A 6 -1.04 -3.76 -1.42
C DSG A 6 -0.60 -3.04 -2.70
O DSG A 6 -1.20 -3.21 -3.75
CB DSG A 6 0.07 -3.73 -0.35
CG DSG A 6 -0.06 -2.55 0.61
OD1 DSG A 6 -0.67 -2.67 1.67
ND2 DSG A 6 0.54 -1.42 0.26
H DSG A 6 -2.91 -3.89 -0.44
HA DSG A 6 -1.20 -4.79 -1.68
HB2 DSG A 6 1.04 -3.66 -0.84
HB3 DSG A 6 0.04 -4.65 0.22
HD21 DSG A 6 1.03 -1.38 -0.57
HD22 DSG A 6 0.41 -0.65 0.85
N SER A 7 0.45 -2.23 -2.58
CA SER A 7 0.88 -1.35 -3.66
C SER A 7 2.14 -0.60 -3.26
N KV6 A 8 2.97 -1.24 -2.43
CA KV6 A 8 4.34 -0.83 -2.74
CG KV6 A 8 5.12 -2.01 -3.33
C KV6 A 8 4.54 1.05 -0.97
O KV6 A 8 5.33 1.88 -0.53
CD KV6 A 8 4.55 -2.55 -4.63
CE KV6 A 8 5.38 -3.72 -5.14
CZ KV6 A 8 4.73 -4.37 -6.34
CH KV6 A 8 5.58 -5.54 -6.86
CQ KV6 A 8 4.91 -6.25 -8.03
CI KV6 A 8 3.61 -6.91 -7.59
CK KV6 A 8 2.91 -7.60 -8.76
CL KV6 A 8 2.45 -6.59 -9.80
CM KV6 A 8 1.71 -7.26 -10.94
CP KV6 A 8 -1.13 -4.93 -13.32
CB KV6 A 8 5.07 -0.29 -1.49
CN KV6 A 8 1.19 -6.24 -11.93
CC KV6 A 8 0.40 -6.90 -13.05
CO KV6 A 8 -0.18 -5.87 -14.01
H KV6 A 8 2.78 -2.17 -2.17
HA KV6 A 8 4.29 -0.04 -3.48
HG1 KV6 A 8 6.13 -1.69 -3.52
HG2 KV6 A 8 5.13 -2.81 -2.61
HD1 KV6 A 8 3.54 -2.88 -4.45
HD2 KV6 A 8 4.56 -1.77 -5.36
HE1 KV6 A 8 6.36 -3.37 -5.41
HE2 KV6 A 8 5.45 -4.45 -4.35
HZ2 KV6 A 8 4.63 -3.63 -7.13
HZ1 KV6 A 8 3.77 -4.75 -6.07
HH1 KV6 A 8 6.54 -5.14 -7.20
HH2 KV6 A 8 5.73 -6.24 -6.06
HQ2 KV6 A 8 4.68 -5.52 -8.80
HQ1 KV6 A 8 5.58 -7.00 -8.41
HI1 KV6 A 8 3.84 -7.65 -6.84
HI2 KV6 A 8 2.95 -6.17 -7.18
HK1 KV6 A 8 3.60 -8.30 -9.22
HK2 KV6 A 8 2.05 -8.13 -8.39
HL2 KV6 A 8 1.79 -5.88 -9.33
HL1 KV6 A 8 3.31 -6.08 -10.20
HM2 KV6 A 8 2.39 -7.94 -11.44
HM1 KV6 A 8 0.87 -7.81 -10.54
HP2 KV6 A 8 -0.60 -4.36 -12.56
HP1 KV6 A 8 -1.92 -5.50 -12.84
HP3 KV6 A 8 -1.56 -4.25 -14.04
HB1 KV6 A 8 6.12 -0.18 -1.72
HB2 KV6 A 8 4.97 -1.02 -0.70
HN2 KV6 A 8 0.54 -5.55 -11.42
HN1 KV6 A 8 2.03 -5.70 -12.36
HC2 KV6 A 8 1.06 -7.56 -13.60
HC1 KV6 A 8 -0.41 -7.47 -12.62
HO1 KV6 A 8 0.63 -5.29 -14.43
HO2 KV6 A 8 -0.71 -6.38 -14.80
N ASN A 1 2.24 0.86 -1.16
CA ASN A 1 2.74 0.18 0.02
C ASN A 1 2.84 1.11 1.22
N DTY A 2 1.90 0.93 2.12
CA DTY A 2 1.85 1.66 3.37
C DTY A 2 0.48 1.48 3.99
O DTY A 2 0.02 0.37 4.22
CB DTY A 2 2.97 1.22 4.31
CG DTY A 2 3.04 -0.27 4.59
CD1 DTY A 2 3.66 -1.14 3.70
CD2 DTY A 2 2.51 -0.81 5.75
CE1 DTY A 2 3.74 -2.49 3.95
CE2 DTY A 2 2.58 -2.16 6.02
CZ DTY A 2 3.19 -3.00 5.12
OH DTY A 2 3.28 -4.36 5.38
H DTY A 2 1.19 0.31 1.91
HA DTY A 2 2.00 2.71 3.14
HB2 DTY A 2 2.85 1.72 5.27
HB3 DTY A 2 3.92 1.51 3.90
HD1 DTY A 2 4.08 -0.74 2.79
HD2 DTY A 2 2.03 -0.15 6.46
HE1 DTY A 2 4.22 -3.15 3.24
HE2 DTY A 2 2.16 -2.56 6.93
HH DTY A 2 2.42 -4.66 5.70
N DSG A 3 -0.19 2.62 4.20
CA DSG A 3 -1.56 2.67 4.71
C DSG A 3 -2.53 2.14 3.65
O DSG A 3 -3.58 1.57 3.95
CB DSG A 3 -1.70 1.89 6.04
CG DSG A 3 -3.06 2.11 6.68
OD1 DSG A 3 -3.69 3.16 6.53
ND2 DSG A 3 -3.54 1.10 7.41
H DSG A 3 0.26 3.46 4.00
HA DSG A 3 -1.79 3.71 4.90
HB2 DSG A 3 -0.95 2.23 6.72
HB3 DSG A 3 -1.58 0.85 5.84
HD21 DSG A 3 -3.00 0.28 7.49
HD22 DSG A 3 -4.42 1.21 7.83
N GLN A 4 -2.14 2.32 2.40
CA GLN A 4 -2.99 1.98 1.27
C GLN A 4 -2.92 0.49 0.96
N PRO A 5 -3.90 -0.04 0.19
CA PRO A 5 -3.94 -1.45 -0.24
C PRO A 5 -2.68 -1.89 -0.98
N DSG A 6 -2.55 -3.22 -1.15
CA DSG A 6 -1.42 -3.84 -1.86
C DSG A 6 -1.05 -3.04 -3.14
O DSG A 6 -1.94 -2.49 -3.80
CB DSG A 6 -0.22 -4.01 -0.92
CG DSG A 6 0.89 -4.87 -1.51
OD1 DSG A 6 2.06 -4.73 -1.15
ND2 DSG A 6 0.53 -5.76 -2.43
H DSG A 6 -3.23 -3.80 -0.77
HA DSG A 6 -1.74 -4.82 -2.17
HB2 DSG A 6 -0.55 -4.47 0.00
HB3 DSG A 6 0.19 -3.03 -0.69
HD21 DSG A 6 -0.43 -5.81 -2.68
HD22 DSG A 6 1.23 -6.29 -2.86
N SER A 7 0.24 -3.00 -3.48
CA SER A 7 0.72 -2.24 -4.62
C SER A 7 0.37 -0.76 -4.42
N KV6 A 8 1.07 -0.18 -3.45
CA KV6 A 8 1.26 1.25 -3.73
CG KV6 A 8 2.73 1.57 -4.06
C KV6 A 8 1.10 1.54 -1.20
O KV6 A 8 0.37 1.71 -0.22
CD KV6 A 8 3.27 0.77 -5.24
CE KV6 A 8 4.77 1.01 -5.42
CZ KV6 A 8 5.08 2.46 -5.76
CH KV6 A 8 6.58 2.71 -5.80
CQ KV6 A 8 7.27 1.88 -6.87
CI KV6 A 8 8.77 2.08 -6.85
CK KV6 A 8 9.37 1.65 -5.51
CL KV6 A 8 10.88 1.86 -5.48
CM KV6 A 8 11.48 1.42 -4.15
CP KV6 A 8 13.54 1.59 -0.24
CB KV6 A 8 0.72 2.11 -2.57
CN KV6 A 8 10.89 2.21 -2.99
CC KV6 A 8 11.47 1.75 -1.65
CO KV6 A 8 12.97 2.00 -1.58
H KV6 A 8 1.80 -0.68 -3.01
HA KV6 A 8 0.67 1.47 -4.59
HG1 KV6 A 8 2.81 2.62 -4.30
HG2 KV6 A 8 3.34 1.36 -3.20
HD1 KV6 A 8 3.11 -0.28 -5.05
HD2 KV6 A 8 2.75 1.08 -6.13
HE1 KV6 A 8 5.27 0.74 -4.51
HE2 KV6 A 8 5.13 0.38 -6.22
HZ2 KV6 A 8 4.64 3.10 -5.00
HZ1 KV6 A 8 4.65 2.70 -6.72
HH1 KV6 A 8 6.75 3.76 -6.02
HH2 KV6 A 8 6.99 2.47 -4.84
HQ2 KV6 A 8 7.05 0.84 -6.69
HQ1 KV6 A 8 6.89 2.16 -7.84
HI1 KV6 A 8 9.22 1.49 -7.63
HI2 KV6 A 8 8.99 3.12 -7.01
HK1 KV6 A 8 8.93 2.24 -4.73
HK2 KV6 A 8 9.16 0.61 -5.35
HL2 KV6 A 8 11.33 1.27 -6.27
HL1 KV6 A 8 11.10 2.91 -5.63
HM2 KV6 A 8 11.27 0.37 -4.01
HM1 KV6 A 8 12.54 1.57 -4.18
HP2 KV6 A 8 13.06 2.16 0.54
HP1 KV6 A 8 14.61 1.78 -0.23
HP3 KV6 A 8 13.36 0.53 -0.08
HB1 KV6 A 8 1.12 3.10 -2.65
HB2 KV6 A 8 -0.36 2.14 -2.63
HN2 KV6 A 8 11.11 3.25 -3.13
HN1 KV6 A 8 9.82 2.06 -2.97
HC2 KV6 A 8 10.98 2.31 -0.86
HC1 KV6 A 8 11.28 0.71 -1.52
HO1 KV6 A 8 13.46 1.44 -2.36
HO2 KV6 A 8 13.17 3.06 -1.72
N ASN A 1 0.36 4.09 -1.49
CA ASN A 1 0.90 5.35 -1.01
C ASN A 1 1.10 5.30 0.50
N DTY A 2 1.85 4.30 0.94
CA DTY A 2 2.15 4.11 2.35
C DTY A 2 1.14 3.18 2.99
O DTY A 2 1.19 1.97 2.82
CB DTY A 2 3.57 3.57 2.53
CG DTY A 2 4.65 4.62 2.32
CD1 DTY A 2 5.10 4.94 1.04
CD2 DTY A 2 5.19 5.29 3.40
CE1 DTY A 2 6.08 5.91 0.86
CE2 DTY A 2 6.17 6.26 3.22
CZ DTY A 2 6.60 6.56 1.94
OH DTY A 2 7.57 7.52 1.76
H DTY A 2 2.20 3.66 0.31
HA DTY A 2 2.09 5.08 2.82
HB2 DTY A 2 3.74 2.78 1.81
HB3 DTY A 2 3.67 3.19 3.52
HD1 DTY A 2 4.69 4.43 0.20
HD2 DTY A 2 4.85 5.06 4.40
HE1 DTY A 2 6.41 6.15 -0.15
HE2 DTY A 2 6.58 6.77 4.07
HH DTY A 2 8.34 7.32 2.32
N DSG A 3 0.18 3.81 3.64
CA DSG A 3 -0.88 3.13 4.41
C DSG A 3 -2.03 2.71 3.49
O DSG A 3 -3.19 2.74 3.88
CB DSG A 3 -0.35 1.93 5.20
CG DSG A 3 -1.41 1.23 6.02
OD1 DSG A 3 -2.08 0.31 5.53
ND2 DSG A 3 -1.57 1.63 7.26
H DSG A 3 0.17 4.79 3.59
HA DSG A 3 -1.27 3.85 5.11
HB2 DSG A 3 0.43 2.28 5.87
HB3 DSG A 3 0.09 1.23 4.50
HD21 DSG A 3 -1.00 2.36 7.59
HD22 DSG A 3 -2.25 1.19 7.81
N GLN A 4 -1.68 2.35 2.26
CA GLN A 4 -2.68 1.98 1.27
C GLN A 4 -2.62 0.50 0.95
N PRO A 5 -3.63 -0.03 0.23
CA PRO A 5 -3.66 -1.42 -0.23
C PRO A 5 -2.40 -1.84 -0.98
N DSG A 6 -2.25 -3.15 -1.16
CA DSG A 6 -1.11 -3.78 -1.82
C DSG A 6 -0.62 -2.98 -3.04
O DSG A 6 -1.41 -2.71 -3.96
CB DSG A 6 0.03 -4.01 -0.82
CG DSG A 6 1.14 -4.88 -1.39
OD1 DSG A 6 2.30 -4.71 -1.04
ND2 DSG A 6 0.78 -5.81 -2.26
H DSG A 6 -2.97 -3.74 -0.82
HA DSG A 6 -1.45 -4.74 -2.17
HB2 DSG A 6 -0.38 -4.50 0.06
HB3 DSG A 6 0.44 -3.06 -0.53
HD21 DSG A 6 -0.17 -5.90 -2.49
HD22 DSG A 6 1.50 -6.36 -2.66
N SER A 7 0.66 -2.60 -3.02
CA SER A 7 1.32 -1.95 -4.15
C SER A 7 0.99 -0.46 -4.25
N KV6 A 8 0.18 0.03 -3.31
CA KV6 A 8 0.68 1.26 -2.74
CG KV6 A 8 0.87 1.07 -1.23
C KV6 A 8 0.36 3.74 -2.75
O KV6 A 8 0.88 4.41 -3.64
CD KV6 A 8 1.86 -0.02 -0.87
CE KV6 A 8 1.96 -0.23 0.63
CZ KV6 A 8 3.02 -1.25 0.99
CH KV6 A 8 3.11 -1.47 2.48
CQ KV6 A 8 4.23 -2.42 2.85
CI KV6 A 8 4.30 -2.64 4.35
CK KV6 A 8 5.48 -3.52 4.74
CL KV6 A 8 5.41 -4.91 4.12
CM KV6 A 8 4.17 -5.67 4.58
CP KV6 A 8 1.70 -8.86 6.44
CB KV6 A 8 -0.28 2.41 -3.05
CN KV6 A 8 4.17 -7.09 4.05
CC KV6 A 8 2.93 -7.87 4.49
CO KV6 A 8 2.87 -8.00 6.00
H KV6 A 8 -0.30 -0.59 -2.72
HA KV6 A 8 1.62 1.49 -3.18
HG1 KV6 A 8 1.22 1.99 -0.80
HG2 KV6 A 8 -0.09 0.81 -0.79
HD1 KV6 A 8 1.54 -0.95 -1.33
HD2 KV6 A 8 2.84 0.25 -1.26
HE1 KV6 A 8 2.22 0.71 1.09
HE2 KV6 A 8 1.01 -0.55 1.00
HZ2 KV6 A 8 3.98 -0.91 0.62
HZ1 KV6 A 8 2.76 -2.19 0.50
HH1 KV6 A 8 3.28 -0.51 2.96
HH2 KV6 A 8 2.17 -1.87 2.83
HQ2 KV6 A 8 4.06 -3.37 2.36
HQ1 KV6 A 8 5.16 -2.00 2.52
HI1 KV6 A 8 4.40 -1.68 4.84
HI2 KV6 A 8 3.39 -3.12 4.69
HK1 KV6 A 8 6.39 -3.04 4.42
HK2 KV6 A 8 5.50 -3.62 5.83
HL2 KV6 A 8 5.39 -4.81 3.05
HL1 KV6 A 8 6.29 -5.47 4.42
HM2 KV6 A 8 4.15 -5.70 5.65
HM1 KV6 A 8 3.30 -5.16 4.21
HP2 KV6 A 8 0.78 -8.42 6.10
HP1 KV6 A 8 1.69 -8.93 7.52
HP3 KV6 A 8 1.80 -9.85 6.03
HB1 KV6 A 8 -1.18 2.30 -2.46
HB2 KV6 A 8 -0.54 2.38 -4.10
HN2 KV6 A 8 4.19 -7.06 2.96
HN1 KV6 A 8 5.05 -7.61 4.41
HC2 KV6 A 8 2.05 -7.34 4.15
HC1 KV6 A 8 2.96 -8.85 4.05
HO1 KV6 A 8 3.78 -8.46 6.35
HO2 KV6 A 8 2.76 -7.02 6.45
N ASN A 1 2.18 1.07 -1.07
CA ASN A 1 3.17 0.70 -0.06
C ASN A 1 3.02 1.50 1.22
N DTY A 2 2.03 1.13 2.03
CA DTY A 2 1.80 1.76 3.30
C DTY A 2 0.42 1.39 3.80
O DTY A 2 0.02 0.23 3.76
CB DTY A 2 2.88 1.39 4.32
CG DTY A 2 3.03 -0.10 4.60
CD1 DTY A 2 3.86 -0.89 3.82
CD2 DTY A 2 2.34 -0.71 5.64
CE1 DTY A 2 4.00 -2.24 4.06
CE2 DTY A 2 2.47 -2.06 5.89
CZ DTY A 2 3.31 -2.82 5.10
OH DTY A 2 3.45 -4.17 5.36
H DTY A 2 1.41 0.43 1.75
HA DTY A 2 1.83 2.84 3.16
HB2 DTY A 2 2.65 1.87 5.26
HB3 DTY A 2 3.83 1.74 3.97
HD1 DTY A 2 4.40 -0.43 3.00
HD2 DTY A 2 1.68 -0.11 6.26
HE1 DTY A 2 4.66 -2.84 3.45
HE2 DTY A 2 1.92 -2.51 6.71
HH DTY A 2 2.58 -4.56 5.53
N DSG A 3 -0.31 2.41 4.20
CA DSG A 3 -1.71 2.28 4.64
C DSG A 3 -2.57 1.90 3.43
O DSG A 3 -3.72 1.47 3.55
CB DSG A 3 -1.84 1.25 5.77
CG DSG A 3 -3.20 1.27 6.45
OD1 DSG A 3 -4.09 0.51 6.08
ND2 DSG A 3 -3.37 2.13 7.42
H DSG A 3 0.09 3.29 4.20
HA DSG A 3 -2.03 3.24 5.01
HB2 DSG A 3 -1.09 1.47 6.53
HB3 DSG A 3 -1.66 0.27 5.37
HD21 DSG A 3 -2.61 2.71 7.66
HD22 DSG A 3 -4.24 2.17 7.87
N GLN A 4 -1.99 2.11 2.27
CA GLN A 4 -2.64 1.81 1.00
C GLN A 4 -2.79 0.31 0.83
N PRO A 5 -3.85 -0.12 0.12
CA PRO A 5 -4.07 -1.53 -0.21
C PRO A 5 -2.92 -2.11 -1.03
N DSG A 6 -2.91 -3.45 -1.13
CA DSG A 6 -1.90 -4.20 -1.92
C DSG A 6 -1.40 -3.40 -3.12
O DSG A 6 -2.15 -3.16 -4.07
CB DSG A 6 -0.73 -4.67 -1.03
CG DSG A 6 0.08 -5.77 -1.71
OD1 DSG A 6 -0.19 -6.96 -1.53
ND2 DSG A 6 1.09 -5.38 -2.50
H DSG A 6 -3.60 -3.97 -0.66
HA DSG A 6 -2.39 -5.08 -2.29
HB2 DSG A 6 -1.12 -5.06 -0.11
HB3 DSG A 6 -0.08 -3.83 -0.82
HD21 DSG A 6 1.26 -4.43 -2.61
HD22 DSG A 6 1.59 -6.07 -2.97
N SER A 7 -0.13 -2.96 -3.02
CA SER A 7 0.53 -2.18 -4.06
C SER A 7 0.18 -0.69 -3.88
N KV6 A 8 1.13 0.02 -3.28
CA KV6 A 8 1.11 1.40 -3.76
CG KV6 A 8 2.36 1.70 -4.59
C KV6 A 8 2.01 2.30 -1.54
O KV6 A 8 2.59 3.29 -1.09
CD KV6 A 8 2.47 0.87 -5.85
CE KV6 A 8 3.74 1.17 -6.63
CZ KV6 A 8 3.83 0.33 -7.89
CH KV6 A 8 5.11 0.61 -8.65
CQ KV6 A 8 5.20 -0.22 -9.92
CI KV6 A 8 6.50 0.01 -10.67
CK KV6 A 8 6.64 1.46 -11.11
CL KV6 A 8 7.95 1.68 -11.85
CM KV6 A 8 8.13 3.14 -12.25
CP KV6 A 8 12.17 4.73 -13.17
CB KV6 A 8 0.94 2.42 -2.62
CN KV6 A 8 9.46 3.35 -12.96
CC KV6 A 8 9.65 4.81 -13.34
CO KV6 A 8 10.98 5.03 -14.05
H KV6 A 8 2.00 -0.40 -3.09
HA KV6 A 8 0.25 1.49 -4.40
HG1 KV6 A 8 2.35 2.74 -4.87
HG2 KV6 A 8 3.23 1.51 -3.98
HD1 KV6 A 8 2.48 -0.18 -5.58
HD2 KV6 A 8 1.61 1.07 -6.49
HE1 KV6 A 8 3.74 2.21 -6.90
HE2 KV6 A 8 4.59 0.97 -6.00
HZ2 KV6 A 8 2.99 0.54 -8.52
HZ1 KV6 A 8 3.82 -0.72 -7.61
HH1 KV6 A 8 5.13 1.66 -8.92
HH2 KV6 A 8 5.95 0.38 -8.02
HQ2 KV6 A 8 5.13 -1.27 -9.66
HQ1 KV6 A 8 4.37 0.04 -10.56
HI1 KV6 A 8 7.32 -0.25 -10.02
HI2 KV6 A 8 6.52 -0.62 -11.54
HK1 KV6 A 8 5.82 1.71 -11.76
HK2 KV6 A 8 6.63 2.09 -10.23
HL2 KV6 A 8 8.77 1.39 -11.21
HL1 KV6 A 8 7.95 1.07 -12.74
HM2 KV6 A 8 7.33 3.43 -12.89
HM1 KV6 A 8 8.12 3.74 -11.35
HP2 KV6 A 8 12.15 3.69 -12.88
HP1 KV6 A 8 12.12 5.35 -12.29
HP3 KV6 A 8 13.08 4.94 -13.71
HB1 KV6 A 8 0.98 3.41 -3.04
HB2 KV6 A 8 -0.03 2.27 -2.16
HN2 KV6 A 8 10.26 3.04 -12.31
HN1 KV6 A 8 9.47 2.75 -13.86
HC2 KV6 A 8 8.85 5.11 -14.00
HC1 KV6 A 8 9.64 5.42 -12.44
HO1 KV6 A 8 11.02 4.38 -14.92
HO2 KV6 A 8 11.04 6.06 -14.37
N ASN A 1 4.27 1.43 -2.23
CA ASN A 1 4.28 2.85 -1.85
C ASN A 1 2.91 3.33 -1.40
N DTY A 2 2.74 3.53 -0.11
CA DTY A 2 1.58 4.20 0.43
C DTY A 2 0.84 3.29 1.41
O DTY A 2 0.84 2.07 1.24
CB DTY A 2 2.04 5.52 1.10
CG DTY A 2 2.98 5.33 2.28
CD1 DTY A 2 4.33 5.06 2.09
CD2 DTY A 2 2.52 5.44 3.58
CE1 DTY A 2 5.18 4.89 3.16
CE2 DTY A 2 3.37 5.28 4.66
CZ DTY A 2 4.70 5.00 4.45
OH DTY A 2 5.54 4.82 5.51
H DTY A 2 3.42 3.20 0.53
HA DTY A 2 0.92 4.45 -0.39
HB2 DTY A 2 1.19 6.08 1.43
HB3 DTY A 2 2.57 6.11 0.36
HD1 DTY A 2 4.71 4.97 1.08
HD2 DTY A 2 1.47 5.66 3.75
HE1 DTY A 2 6.23 4.67 2.99
HE2 DTY A 2 2.98 5.36 5.67
HH DTY A 2 6.38 5.28 5.35
N DSG A 3 0.20 3.90 2.40
CA DSG A 3 -0.59 3.21 3.43
C DSG A 3 -1.95 2.73 2.90
O DSG A 3 -2.96 2.80 3.59
CB DSG A 3 0.19 2.05 4.06
CG DSG A 3 -0.64 1.24 5.05
OD1 DSG A 3 -1.28 0.26 4.69
ND2 DSG A 3 -0.61 1.65 6.32
H DSG A 3 0.26 4.87 2.44
HA DSG A 3 -0.79 3.93 4.21
HB2 DSG A 3 1.06 2.44 4.57
HB3 DSG A 3 0.52 1.38 3.27
HD21 DSG A 3 -0.07 2.44 6.54
HD22 DSG A 3 -1.14 1.15 6.97
N GLN A 4 -1.94 2.26 1.66
CA GLN A 4 -3.14 1.74 1.04
C GLN A 4 -2.98 0.22 0.85
N PRO A 5 -3.98 -0.50 0.32
CA PRO A 5 -3.82 -1.92 -0.02
C PRO A 5 -2.61 -2.15 -0.93
N DSG A 6 -2.15 -3.41 -1.00
CA DSG A 6 -0.92 -3.80 -1.71
C DSG A 6 -0.65 -2.94 -2.95
O DSG A 6 -1.32 -3.08 -3.98
CB DSG A 6 0.30 -3.85 -0.75
CG DSG A 6 0.53 -2.55 0.02
OD1 DSG A 6 -0.11 -2.28 1.03
ND2 DSG A 6 1.53 -1.78 -0.41
H DSG A 6 -2.67 -4.11 -0.54
HA DSG A 6 -1.09 -4.81 -2.06
HB2 DSG A 6 1.18 -4.07 -1.31
HB3 DSG A 6 0.13 -4.64 -0.03
HD21 DSG A 6 2.07 -2.08 -1.16
HD22 DSG A 6 1.67 -0.91 0.04
N SER A 7 0.33 -2.07 -2.85
CA SER A 7 0.66 -1.11 -3.89
C SER A 7 2.04 -0.51 -3.66
N KV6 A 8 2.95 -1.33 -3.15
CA KV6 A 8 4.24 -1.05 -3.77
CG KV6 A 8 4.68 -2.23 -4.63
C KV6 A 8 5.38 0.72 -2.27
O KV6 A 8 6.47 1.19 -1.94
CD KV6 A 8 3.64 -2.69 -5.64
CE KV6 A 8 3.27 -1.61 -6.64
CZ KV6 A 8 2.14 -2.07 -7.55
CH KV6 A 8 1.71 -0.98 -8.54
CQ KV6 A 8 2.83 -0.61 -9.50
CI KV6 A 8 2.33 0.34 -10.58
CK KV6 A 8 3.43 0.71 -11.57
CL KV6 A 8 4.03 -0.53 -12.23
CM KV6 A 8 5.08 -0.17 -13.27
CP KV6 A 8 5.26 -1.13 -16.87
CB KV6 A 8 5.29 -0.75 -2.68
CN KV6 A 8 4.48 0.59 -14.45
CC KV6 A 8 5.53 0.96 -15.48
CO KV6 A 8 6.22 -0.26 -16.08
H KV6 A 8 2.72 -2.26 -2.96
HA KV6 A 8 4.13 -0.17 -4.39
HG1 KV6 A 8 5.57 -1.96 -5.18
HG2 KV6 A 8 4.91 -3.07 -3.99
HD1 KV6 A 8 4.02 -3.55 -6.17
HD2 KV6 A 8 2.74 -2.98 -5.10
HE1 KV6 A 8 2.95 -0.73 -6.10
HE2 KV6 A 8 4.14 -1.38 -7.24
HZ2 KV6 A 8 1.28 -2.33 -6.94
HZ1 KV6 A 8 2.46 -2.93 -8.11
HH1 KV6 A 8 0.86 -1.35 -9.10
HH2 KV6 A 8 1.42 -0.10 -7.98
HQ2 KV6 A 8 3.62 -0.14 -8.95
HQ1 KV6 A 8 3.20 -1.52 -9.97
HI1 KV6 A 8 1.53 -0.13 -11.11
HI2 KV6 A 8 1.98 1.24 -10.11
HK1 KV6 A 8 3.01 1.34 -12.34
HK2 KV6 A 8 4.21 1.23 -11.05
HL2 KV6 A 8 4.49 -1.15 -11.47
HL1 KV6 A 8 3.24 -1.09 -12.72
HM2 KV6 A 8 5.84 0.45 -12.80
HM1 KV6 A 8 5.54 -1.08 -13.63
HP2 KV6 A 8 4.84 -0.56 -17.67
HP1 KV6 A 8 4.46 -1.48 -16.22
HP3 KV6 A 8 5.79 -1.98 -17.27
HB1 KV6 A 8 5.05 -1.33 -1.81
HB2 KV6 A 8 6.25 -1.05 -3.06
HN2 KV6 A 8 3.73 -0.04 -14.92
HN1 KV6 A 8 4.02 1.49 -14.08
HC2 KV6 A 8 5.06 1.52 -16.28
HC1 KV6 A 8 6.28 1.58 -15.01
HO1 KV6 A 8 7.01 0.07 -16.73
HO2 KV6 A 8 6.64 -0.86 -15.28
N ASN A 1 5.01 -2.12 2.56
CA ASN A 1 4.57 -1.36 3.72
C ASN A 1 3.97 -0.03 3.27
N DTY A 2 2.76 0.27 3.74
CA DTY A 2 2.04 1.45 3.34
C DTY A 2 0.57 1.30 3.78
O DTY A 2 0.05 0.18 3.82
CB DTY A 2 2.70 2.74 3.90
CG DTY A 2 2.78 2.85 5.41
CD1 DTY A 2 3.87 2.33 6.10
CD2 DTY A 2 1.78 3.49 6.15
CE1 DTY A 2 3.96 2.46 7.48
CE2 DTY A 2 1.88 3.62 7.52
CZ DTY A 2 2.97 3.09 8.18
OH DTY A 2 3.08 3.22 9.55
H DTY A 2 2.34 -0.33 4.38
HA DTY A 2 2.06 1.49 2.26
HB2 DTY A 2 2.16 3.60 3.53
HB3 DTY A 2 3.71 2.77 3.53
HD1 DTY A 2 4.65 1.83 5.55
HD2 DTY A 2 0.93 3.90 5.63
HE1 DTY A 2 4.83 2.05 7.99
HE2 DTY A 2 1.10 4.12 8.07
HH DTY A 2 3.98 3.51 9.77
N DSG A 3 -0.06 2.41 4.10
CA DSG A 3 -1.47 2.46 4.52
C DSG A 3 -2.39 2.02 3.39
O DSG A 3 -3.37 1.30 3.61
CB DSG A 3 -1.70 1.63 5.78
CG DSG A 3 -3.02 1.95 6.45
OD1 DSG A 3 -3.49 3.09 6.40
ND2 DSG A 3 -3.64 0.96 7.07
H DSG A 3 0.43 3.24 4.06
HA DSG A 3 -1.69 3.50 4.76
HB2 DSG A 3 -0.91 1.82 6.49
HB3 DSG A 3 -1.68 0.59 5.52
HD21 DSG A 3 -3.20 0.08 7.08
HD22 DSG A 3 -4.50 1.15 7.51
N GLN A 4 -2.06 2.44 2.19
CA GLN A 4 -2.86 2.13 1.01
C GLN A 4 -2.83 0.63 0.71
N PRO A 5 -3.71 0.13 -0.20
CA PRO A 5 -3.70 -1.27 -0.65
C PRO A 5 -2.31 -1.82 -0.90
N DSG A 6 -2.19 -3.16 -0.93
CA DSG A 6 -0.91 -3.89 -0.91
C DSG A 6 0.23 -3.11 -1.59
O DSG A 6 0.15 -2.79 -2.78
CB DSG A 6 -0.53 -4.26 0.54
CG DSG A 6 -0.79 -3.15 1.55
OD1 DSG A 6 -1.86 -3.09 2.16
ND2 DSG A 6 0.17 -2.26 1.75
H DSG A 6 -3.03 -3.69 -0.97
HA DSG A 6 -1.06 -4.80 -1.46
HB2 DSG A 6 0.51 -4.53 0.57
HB3 DSG A 6 -1.12 -5.13 0.83
HD21 DSG A 6 1.01 -2.36 1.24
HD22 DSG A 6 0.01 -1.52 2.36
N SER A 7 1.27 -2.83 -0.83
CA SER A 7 2.34 -1.94 -1.27
C SER A 7 3.56 -2.13 -0.39
N KV6 A 8 3.89 -3.38 -0.10
CA KV6 A 8 5.34 -3.44 0.06
CG KV6 A 8 5.97 -4.15 -1.15
C KV6 A 8 5.17 -3.43 2.61
O KV6 A 8 4.91 -4.09 3.62
CD KV6 A 8 5.77 -3.41 -2.46
CE KV6 A 8 6.37 -2.02 -2.43
CZ KV6 A 8 6.01 -1.21 -3.66
CH KV6 A 8 6.58 -1.82 -4.93
CQ KV6 A 8 8.10 -1.84 -4.92
CI KV6 A 8 8.67 -2.36 -6.23
CK KV6 A 8 8.26 -1.48 -7.41
CL KV6 A 8 8.85 -1.99 -8.72
CM KV6 A 8 8.41 -1.13 -9.89
CP KV6 A 8 6.04 1.75 -9.74
CB KV6 A 8 5.73 -4.12 1.37
CN KV6 A 8 6.90 -1.15 -10.08
CC KV6 A 8 6.44 -0.25 -11.22
CO KV6 A 8 6.78 1.21 -10.95
H KV6 A 8 3.40 -4.13 -0.53
HA KV6 A 8 5.69 -2.42 0.08
HG1 KV6 A 8 7.04 -4.23 -0.97
HG2 KV6 A 8 5.56 -5.14 -1.23
HD1 KV6 A 8 6.24 -3.98 -3.26
HD2 KV6 A 8 4.71 -3.34 -2.66
HE1 KV6 A 8 5.99 -1.50 -1.56
HE2 KV6 A 8 7.44 -2.09 -2.36
HZ2 KV6 A 8 6.40 -0.21 -3.55
HZ1 KV6 A 8 4.94 -1.16 -3.75
HH1 KV6 A 8 6.21 -2.83 -5.03
HH2 KV6 A 8 6.25 -1.23 -5.78
HQ2 KV6 A 8 8.46 -0.84 -4.76
HQ1 KV6 A 8 8.44 -2.48 -4.12
HI1 KV6 A 8 9.74 -2.38 -6.16
HI2 KV6 A 8 8.30 -3.36 -6.40
HK1 KV6 A 8 7.19 -1.49 -7.48
HK2 KV6 A 8 8.62 -0.48 -7.23
HL2 KV6 A 8 9.92 -1.97 -8.65
HL1 KV6 A 8 8.50 -3.00 -8.89
HM2 KV6 A 8 8.72 -0.10 -9.71
HM1 KV6 A 8 8.88 -1.49 -10.79
HP2 KV6 A 8 6.30 2.80 -9.62
HP1 KV6 A 8 6.33 1.20 -8.86
HP3 KV6 A 8 4.98 1.66 -9.89
HB1 KV6 A 8 6.81 -4.13 1.44
HB2 KV6 A 8 5.37 -5.13 1.36
HN2 KV6 A 8 6.60 -2.17 -10.29
HN1 KV6 A 8 6.42 -0.82 -9.16
HC2 KV6 A 8 6.95 -0.56 -12.12
HC1 KV6 A 8 5.38 -0.35 -11.34
HO1 KV6 A 8 7.84 1.31 -10.79
HO2 KV6 A 8 6.49 1.79 -11.82
N ASN A 1 3.45 -0.17 -0.71
CA ASN A 1 3.14 1.20 -0.32
C ASN A 1 3.18 1.37 1.19
N DTY A 2 2.17 0.87 1.83
CA DTY A 2 1.98 1.00 3.27
C DTY A 2 0.50 0.96 3.62
O DTY A 2 -0.14 -0.10 3.57
CB DTY A 2 2.80 -0.06 4.04
CG DTY A 2 2.53 -1.50 3.63
CD1 DTY A 2 3.06 -2.01 2.45
CD2 DTY A 2 1.79 -2.34 4.43
CE1 DTY A 2 2.84 -3.31 2.07
CE2 DTY A 2 1.56 -3.66 4.06
CZ DTY A 2 2.09 -4.14 2.89
OH DTY A 2 1.87 -5.45 2.52
H DTY A 2 1.49 0.41 1.31
HA DTY A 2 2.37 1.98 3.54
HB2 DTY A 2 2.56 0.03 5.10
HB3 DTY A 2 3.84 0.13 3.90
HD1 DTY A 2 3.64 -1.36 1.80
HD2 DTY A 2 1.38 -1.97 5.35
HE1 DTY A 2 3.25 -3.69 1.15
HE2 DTY A 2 0.98 -4.30 4.71
HH DTY A 2 2.67 -5.82 2.15
N DSG A 3 -0.04 2.12 3.94
CA DSG A 3 -1.44 2.29 4.33
C DSG A 3 -2.38 1.87 3.20
O DSG A 3 -3.41 1.22 3.43
CB DSG A 3 -1.74 1.51 5.61
CG DSG A 3 -3.06 1.92 6.25
OD1 DSG A 3 -3.46 3.08 6.19
ND2 DSG A 3 -3.75 0.97 6.86
H DSG A 3 0.54 2.92 3.92
HA DSG A 3 -1.59 3.34 4.53
HB2 DSG A 3 -0.94 1.67 6.31
HB3 DSG A 3 -1.79 0.47 5.36
HD21 DSG A 3 -3.37 0.06 6.87
HD22 DSG A 3 -4.60 1.22 7.28
N GLN A 4 -2.03 2.26 1.97
CA GLN A 4 -2.86 1.96 0.81
C GLN A 4 -2.93 0.45 0.55
N PRO A 5 -4.03 -0.03 -0.06
CA PRO A 5 -4.23 -1.45 -0.37
C PRO A 5 -3.06 -2.04 -1.15
N DSG A 6 -2.94 -3.37 -1.11
CA DSG A 6 -1.79 -4.12 -1.64
C DSG A 6 -1.12 -3.44 -2.84
O DSG A 6 -1.70 -3.37 -3.92
CB DSG A 6 -0.76 -4.40 -0.52
CG DSG A 6 -0.63 -3.23 0.46
OD1 DSG A 6 -1.23 -3.24 1.53
ND2 DSG A 6 0.15 -2.21 0.09
H DSG A 6 -3.67 -3.89 -0.70
HA DSG A 6 -2.15 -5.08 -1.98
HB2 DSG A 6 0.19 -4.58 -0.98
HB3 DSG A 6 -1.07 -5.27 0.03
HD21 DSG A 6 0.60 -2.25 -0.77
HD22 DSG A 6 0.21 -1.45 0.69
N SER A 7 0.10 -2.95 -2.62
CA SER A 7 0.79 -2.09 -3.57
C SER A 7 2.16 -1.68 -3.04
N KV6 A 8 2.73 -2.49 -2.14
CA KV6 A 8 4.17 -2.50 -2.33
CG KV6 A 8 4.62 -3.88 -2.79
C KV6 A 8 4.66 -0.67 -0.58
O KV6 A 8 5.59 -0.02 -0.09
CD KV6 A 8 3.83 -4.41 -3.99
CE KV6 A 8 4.00 -5.90 -4.14
CZ KV6 A 8 3.14 -6.44 -5.27
CH KV6 A 8 3.14 -7.96 -5.28
CQ KV6 A 8 2.33 -8.51 -6.44
CI KV6 A 8 2.23 -10.02 -6.40
CK KV6 A 8 1.40 -10.51 -5.22
CL KV6 A 8 -0.05 -10.03 -5.31
CM KV6 A 8 -0.90 -10.60 -4.19
CP KV6 A 8 -1.72 -10.80 0.75
CB KV6 A 8 4.88 -2.12 -1.02
CN KV6 A 8 -0.42 -10.15 -2.81
CC KV6 A 8 -1.30 -10.71 -1.71
CO KV6 A 8 -0.83 -10.26 -0.34
H KV6 A 8 2.29 -3.34 -1.90
HA KV6 A 8 4.42 -1.77 -3.09
HG1 KV6 A 8 5.66 -3.85 -3.05
HG2 KV6 A 8 4.47 -4.58 -1.97
HD1 KV6 A 8 2.79 -4.18 -3.84
HD2 KV6 A 8 4.20 -3.92 -4.88
HE1 KV6 A 8 5.03 -6.12 -4.35
HE2 KV6 A 8 3.70 -6.38 -3.22
HZ2 KV6 A 8 3.52 -6.08 -6.21
HZ1 KV6 A 8 2.13 -6.10 -5.13
HH1 KV6 A 8 4.16 -8.31 -5.38
HH2 KV6 A 8 2.72 -8.32 -4.36
HQ2 KV6 A 8 1.34 -8.08 -6.40
HQ1 KV6 A 8 2.81 -8.22 -7.37
HI1 KV6 A 8 1.76 -10.37 -7.30
HI2 KV6 A 8 3.22 -10.44 -6.32
HK1 KV6 A 8 1.40 -11.59 -5.20
HK2 KV6 A 8 1.83 -10.13 -4.30
HL2 KV6 A 8 -0.06 -8.95 -5.25
HL1 KV6 A 8 -0.45 -10.35 -6.25
HM2 KV6 A 8 -1.91 -10.26 -4.33
HM1 KV6 A 8 -0.87 -11.68 -4.23
HP2 KV6 A 8 -1.35 -10.47 1.71
HP1 KV6 A 8 -1.72 -11.88 0.72
HP3 KV6 A 8 -2.73 -10.44 0.61
HB1 KV6 A 8 4.53 -2.76 -0.23
HB2 KV6 A 8 5.93 -2.28 -1.15
HN2 KV6 A 8 0.58 -10.50 -2.67
HN1 KV6 A 8 -0.44 -9.07 -2.78
HC2 KV6 A 8 -2.32 -10.35 -1.87
HC1 KV6 A 8 -1.29 -11.78 -1.77
HO1 KV6 A 8 0.17 -10.63 -0.18
HO2 KV6 A 8 -0.84 -9.18 -0.29
N ASN A 1 1.14 0.48 -0.91
CA ASN A 1 1.91 -0.25 0.10
C ASN A 1 2.16 0.57 1.37
N DTY A 2 1.27 0.41 2.33
CA DTY A 2 1.45 1.02 3.65
C DTY A 2 0.09 1.48 4.16
O DTY A 2 -0.75 0.67 4.56
CB DTY A 2 2.12 0.04 4.62
CG DTY A 2 1.54 -1.36 4.63
CD1 DTY A 2 1.90 -2.29 3.66
CD2 DTY A 2 0.65 -1.76 5.62
CE1 DTY A 2 1.38 -3.57 3.67
CE2 DTY A 2 0.13 -3.04 5.64
CZ DTY A 2 0.49 -3.94 4.66
OH DTY A 2 -0.02 -5.21 4.68
H DTY A 2 0.46 -0.10 2.16
HA DTY A 2 2.08 1.88 3.53
HB2 DTY A 2 2.04 0.44 5.63
HB3 DTY A 2 3.17 -0.04 4.36
HD1 DTY A 2 2.59 -1.99 2.88
HD2 DTY A 2 0.37 -1.05 6.39
HE1 DTY A 2 1.68 -4.27 2.91
HE2 DTY A 2 -0.56 -3.33 6.42
HH DTY A 2 0.65 -5.83 4.37
N DSG A 3 -0.11 2.79 4.10
CA DSG A 3 -1.41 3.40 4.39
C DSG A 3 -2.42 2.88 3.37
O DSG A 3 -3.61 2.75 3.65
CB DSG A 3 -1.85 3.11 5.83
CG DSG A 3 -3.02 3.96 6.27
OD1 DSG A 3 -3.17 5.12 5.85
ND2 DSG A 3 -3.87 3.41 7.12
H DSG A 3 0.63 3.36 3.83
HA DSG A 3 -1.31 4.47 4.26
HB2 DSG A 3 -1.02 3.29 6.49
HB3 DSG A 3 -2.13 2.08 5.89
HD21 DSG A 3 -3.70 2.50 7.41
HD22 DSG A 3 -4.63 3.95 7.42
N GLN A 4 -1.92 2.58 2.19
CA GLN A 4 -2.71 2.01 1.11
C GLN A 4 -2.48 0.50 1.01
N PRO A 5 -3.47 -0.23 0.47
CA PRO A 5 -3.36 -1.66 0.16
C PRO A 5 -2.21 -1.96 -0.79
N DSG A 6 -1.90 -3.25 -0.93
CA DSG A 6 -0.85 -3.73 -1.86
C DSG A 6 -0.85 -2.92 -3.18
O DSG A 6 -1.90 -2.46 -3.61
CB DSG A 6 0.52 -3.70 -1.15
CG DSG A 6 1.62 -4.38 -1.96
OD1 DSG A 6 2.79 -4.03 -1.84
ND2 DSG A 6 1.23 -5.33 -2.80
H DSG A 6 -2.40 -3.92 -0.42
HA DSG A 6 -1.09 -4.76 -2.09
HB2 DSG A 6 0.43 -4.21 -0.21
HB3 DSG A 6 0.80 -2.67 -0.99
HD21 DSG A 6 0.28 -5.55 -2.85
HD22 DSG A 6 1.91 -5.72 -3.39
N SER A 7 0.31 -2.80 -3.82
CA SER A 7 0.47 -1.92 -4.96
C SER A 7 0.11 -0.49 -4.55
N KV6 A 8 0.92 0.04 -3.63
CA KV6 A 8 0.98 1.48 -3.80
CG KV6 A 8 2.36 1.90 -4.30
C KV6 A 8 1.46 1.69 -1.34
O KV6 A 8 2.40 2.35 -0.91
CD KV6 A 8 2.71 1.37 -5.69
CE KV6 A 8 4.13 1.74 -6.08
CZ KV6 A 8 4.43 1.30 -7.51
CH KV6 A 8 5.88 1.60 -7.89
CQ KV6 A 8 6.15 1.31 -9.37
CI KV6 A 8 5.84 -0.13 -9.74
CK KV6 A 8 6.72 -1.13 -9.01
CL KV6 A 8 8.20 -0.96 -9.35
CM KV6 A 8 9.05 -2.03 -8.68
CP KV6 A 8 11.96 0.55 -6.45
CB KV6 A 8 0.63 2.19 -2.50
CN KV6 A 8 10.51 -1.91 -9.06
CC KV6 A 8 11.16 -0.64 -8.52
CO KV6 A 8 11.21 -0.65 -6.99
H KV6 A 8 1.72 -0.45 -3.36
HA KV6 A 8 0.25 1.74 -4.53
HG1 KV6 A 8 2.42 2.98 -4.33
HG2 KV6 A 8 3.11 1.53 -3.61
HD1 KV6 A 8 2.61 0.30 -5.68
HD2 KV6 A 8 2.03 1.80 -6.40
HE1 KV6 A 8 4.26 2.80 -6.01
HE2 KV6 A 8 4.82 1.25 -5.42
HZ2 KV6 A 8 3.78 1.85 -8.18
HZ1 KV6 A 8 4.26 0.24 -7.60
HH1 KV6 A 8 6.08 2.64 -7.70
HH2 KV6 A 8 6.53 0.99 -7.29
HQ2 KV6 A 8 5.52 1.96 -9.97
HQ1 KV6 A 8 7.18 1.52 -9.58
HI1 KV6 A 8 4.80 -0.34 -9.52
HI2 KV6 A 8 5.99 -0.25 -10.81
HK1 KV6 A 8 6.59 -0.99 -7.95
HK2 KV6 A 8 6.41 -2.13 -9.28
HL2 KV6 A 8 8.32 -1.02 -10.42
HL1 KV6 A 8 8.52 0.01 -9.00
HM2 KV6 A 8 8.95 -1.93 -7.61
HM1 KV6 A 8 8.68 -3.00 -8.98
HP2 KV6 A 8 11.98 0.50 -5.37
HP1 KV6 A 8 11.46 1.45 -6.76
HP3 KV6 A 8 12.98 0.54 -6.83
HB1 KV6 A 8 -0.41 2.01 -2.27
HB2 KV6 A 8 0.79 3.23 -2.61
HN2 KV6 A 8 11.05 -2.76 -8.67
HN1 KV6 A 8 10.59 -1.90 -10.13
HC2 KV6 A 8 12.17 -0.57 -8.90
HC1 KV6 A 8 10.59 0.22 -8.84
HO1 KV6 A 8 10.21 -0.64 -6.61
HO2 KV6 A 8 11.73 -1.54 -6.67
N ASN A 1 4.94 -1.89 2.31
CA ASN A 1 4.53 -1.23 3.53
C ASN A 1 3.94 0.14 3.21
N DTY A 2 2.77 0.43 3.76
CA DTY A 2 2.06 1.66 3.47
C DTY A 2 0.59 1.44 3.86
O DTY A 2 0.11 0.29 3.86
CB DTY A 2 2.68 2.86 4.21
CG DTY A 2 2.56 2.84 5.73
CD1 DTY A 2 3.41 2.07 6.50
CD2 DTY A 2 1.60 3.60 6.38
CE1 DTY A 2 3.32 2.06 7.88
CE2 DTY A 2 1.49 3.59 7.76
CZ DTY A 2 2.36 2.82 8.51
OH DTY A 2 2.26 2.82 9.88
H DTY A 2 2.37 -0.20 4.38
HA DTY A 2 2.11 1.82 2.41
HB2 DTY A 2 2.21 3.76 3.86
HB3 DTY A 2 3.73 2.89 3.98
HD1 DTY A 2 4.17 1.47 6.02
HD2 DTY A 2 0.92 4.20 5.80
HE1 DTY A 2 4.00 1.46 8.46
HE2 DTY A 2 0.74 4.19 8.24
HH DTY A 2 3.14 2.91 10.26
N DSG A 3 -0.10 2.53 4.14
CA DSG A 3 -1.51 2.53 4.58
C DSG A 3 -2.46 2.30 3.39
O DSG A 3 -3.68 2.25 3.53
CB DSG A 3 -1.74 1.48 5.69
CG DSG A 3 -3.15 1.48 6.25
OD1 DSG A 3 -4.02 0.73 5.80
ND2 DSG A 3 -3.40 2.33 7.23
H DSG A 3 0.36 3.37 4.08
HA DSG A 3 -1.72 3.50 4.99
HB2 DSG A 3 -1.05 1.67 6.49
HB3 DSG A 3 -1.54 0.49 5.27
HD21 DSG A 3 -2.66 2.90 7.55
HD22 DSG A 3 -4.30 2.36 7.61
N GLN A 4 -1.89 2.22 2.20
CA GLN A 4 -2.66 2.01 0.99
C GLN A 4 -2.85 0.51 0.76
N PRO A 5 -3.66 0.10 -0.24
CA PRO A 5 -3.76 -1.30 -0.64
C PRO A 5 -2.38 -1.90 -0.94
N DSG A 6 -2.31 -3.24 -1.01
CA DSG A 6 -1.03 -3.98 -1.10
C DSG A 6 0.07 -3.18 -1.82
O DSG A 6 0.04 -3.01 -3.03
CB DSG A 6 -0.57 -4.50 0.28
CG DSG A 6 -0.62 -3.44 1.39
OD1 DSG A 6 -1.68 -3.13 1.93
ND2 DSG A 6 0.55 -2.94 1.79
H DSG A 6 -3.15 -3.76 -0.99
HA DSG A 6 -1.23 -4.84 -1.70
HB2 DSG A 6 0.44 -4.86 0.20
HB3 DSG A 6 -1.21 -5.31 0.58
HD21 DSG A 6 1.37 -3.27 1.37
HD22 DSG A 6 0.53 -2.25 2.49
N SER A 7 1.02 -2.70 -1.05
CA SER A 7 2.08 -1.85 -1.55
C SER A 7 3.29 -1.93 -0.63
N KV6 A 8 3.77 -3.15 -0.46
CA KV6 A 8 5.21 -3.06 -0.31
CG KV6 A 8 5.89 -3.64 -1.54
C KV6 A 8 5.10 -3.20 2.25
O KV6 A 8 4.81 -3.94 3.19
CD KV6 A 8 5.59 -2.87 -2.83
CE KV6 A 8 6.19 -3.54 -4.05
CZ KV6 A 8 5.96 -2.72 -5.31
CH KV6 A 8 4.49 -2.47 -5.58
CQ KV6 A 8 3.72 -3.76 -5.82
CI KV6 A 8 2.25 -3.48 -6.09
CK KV6 A 8 1.47 -4.76 -6.38
CL KV6 A 8 1.45 -5.69 -5.18
CM KV6 A 8 0.65 -6.96 -5.45
CP KV6 A 8 -3.66 -4.97 -3.74
CB KV6 A 8 5.65 -3.79 0.96
CN KV6 A 8 -0.81 -6.66 -5.75
CC KV6 A 8 -1.51 -5.98 -4.56
CO KV6 A 8 -2.97 -5.68 -4.88
H KV6 A 8 3.38 -3.90 -0.93
HA KV6 A 8 5.47 -2.01 -0.21
HG1 KV6 A 8 6.97 -3.63 -1.39
HG2 KV6 A 8 5.56 -4.66 -1.68
HD1 KV6 A 8 4.52 -2.81 -2.94
HD2 KV6 A 8 6.01 -1.88 -2.73
HE1 KV6 A 8 7.25 -3.67 -3.90
HE2 KV6 A 8 5.73 -4.52 -4.17
HZ2 KV6 A 8 6.39 -3.25 -6.15
HZ1 KV6 A 8 6.46 -1.77 -5.21
HH1 KV6 A 8 4.05 -1.96 -4.73
HH2 KV6 A 8 4.39 -1.85 -6.45
HQ2 KV6 A 8 4.14 -4.26 -6.67
HQ1 KV6 A 8 3.80 -4.38 -4.95
HI1 KV6 A 8 1.82 -2.99 -5.23
HI2 KV6 A 8 2.17 -2.83 -6.95
HK1 KV6 A 8 0.45 -4.50 -6.62
HK2 KV6 A 8 1.93 -5.27 -7.21
HL2 KV6 A 8 2.47 -5.97 -4.94
HL1 KV6 A 8 1.01 -5.17 -4.34
HM2 KV6 A 8 1.07 -7.47 -6.30
HM1 KV6 A 8 0.70 -7.60 -4.58
HP2 KV6 A 8 -4.68 -4.77 -4.00
HP1 KV6 A 8 -3.14 -4.04 -3.54
HP3 KV6 A 8 -3.63 -5.60 -2.85
HB1 KV6 A 8 5.33 -4.82 0.89
HB2 KV6 A 8 6.72 -3.76 1.01
HN2 KV6 A 8 -0.88 -6.01 -6.60
HN1 KV6 A 8 -1.32 -7.59 -5.96
HC2 KV6 A 8 -1.46 -6.64 -3.71
HC1 KV6 A 8 -1.00 -5.06 -4.35
HO1 KV6 A 8 -3.01 -5.05 -5.75
HO2 KV6 A 8 -3.49 -6.61 -5.07
N ASN A 1 4.12 1.44 -2.36
CA ASN A 1 4.03 2.88 -2.18
C ASN A 1 2.64 3.29 -1.72
N DTY A 2 2.54 3.79 -0.50
CA DTY A 2 1.29 4.27 0.05
C DTY A 2 0.66 3.19 0.93
O DTY A 2 0.55 2.04 0.53
CB DTY A 2 1.54 5.55 0.85
CG DTY A 2 2.35 6.60 0.12
CD1 DTY A 2 3.66 6.88 0.49
CD2 DTY A 2 1.81 7.29 -0.95
CE1 DTY A 2 4.40 7.83 -0.17
CE2 DTY A 2 2.55 8.25 -1.63
CZ DTY A 2 3.84 8.52 -1.23
OH DTY A 2 4.58 9.45 -1.91
H DTY A 2 3.34 3.83 0.07
HA DTY A 2 0.64 4.50 -0.77
HB2 DTY A 2 2.07 5.30 1.76
HB3 DTY A 2 0.60 5.98 1.11
HD1 DTY A 2 4.09 6.35 1.33
HD2 DTY A 2 0.79 7.09 -1.26
HE1 DTY A 2 5.41 8.05 0.14
HE2 DTY A 2 2.11 8.78 -2.45
HH DTY A 2 5.41 9.05 -2.20
N DSG A 3 0.23 3.60 2.13
CA DSG A 3 -0.39 2.71 3.13
C DSG A 3 -1.81 2.28 2.72
O DSG A 3 -2.62 1.88 3.57
CB DSG A 3 0.49 1.48 3.39
CG DSG A 3 -0.15 0.45 4.29
OD1 DSG A 3 -0.07 0.55 5.51
ND2 DSG A 3 -0.76 -0.56 3.71
H DSG A 3 0.36 4.55 2.38
HA DSG A 3 -0.46 3.26 4.05
HB2 DSG A 3 1.42 1.80 3.84
HB3 DSG A 3 0.73 1.01 2.44
HD21 DSG A 3 -0.78 -0.59 2.71
HD22 DSG A 3 -1.19 -1.24 4.27
N GLN A 4 -2.10 2.39 1.45
CA GLN A 4 -3.33 1.85 0.89
C GLN A 4 -3.17 0.33 0.78
N PRO A 5 -4.16 -0.44 0.27
CA PRO A 5 -3.94 -1.85 -0.03
C PRO A 5 -2.67 -2.06 -0.85
N DSG A 6 -2.05 -3.25 -0.71
CA DSG A 6 -0.75 -3.58 -1.35
C DSG A 6 -0.53 -2.86 -2.68
O DSG A 6 -1.13 -3.21 -3.69
CB DSG A 6 0.44 -3.38 -0.37
CG DSG A 6 0.48 -2.01 0.30
OD1 DSG A 6 -0.15 -1.82 1.34
ND2 DSG A 6 1.29 -1.09 -0.22
H DSG A 6 -2.49 -3.94 -0.16
HA DSG A 6 -0.80 -4.64 -1.58
HB2 DSG A 6 1.35 -3.51 -0.93
HB3 DSG A 6 0.39 -4.13 0.40
HD21 DSG A 6 1.83 -1.33 -0.99
HD22 DSG A 6 1.27 -0.18 0.16
N SER A 7 0.32 -1.87 -2.65
CA SER A 7 0.60 -1.01 -3.78
C SER A 7 2.04 -0.50 -3.72
N KV6 A 8 2.90 -1.25 -3.01
CA KV6 A 8 4.23 -1.13 -3.60
CG KV6 A 8 4.64 -2.45 -4.25
C KV6 A 8 5.27 0.79 -2.24
O KV6 A 8 6.31 1.35 -1.89
CD KV6 A 8 4.64 -3.62 -3.29
CE KV6 A 8 4.98 -4.92 -4.00
CZ KV6 A 8 4.90 -6.11 -3.05
CH KV6 A 8 3.51 -6.25 -2.43
CQ KV6 A 8 2.43 -6.43 -3.48
CI KV6 A 8 1.05 -6.53 -2.85
CK KV6 A 8 -0.05 -6.66 -3.90
CL KV6 A 8 0.15 -7.90 -4.76
CM KV6 A 8 -0.97 -8.07 -5.78
CP KV6 A 8 -2.87 -8.50 -9.74
CB KV6 A 8 5.26 -0.71 -2.54
CN KV6 A 8 -1.03 -6.90 -6.75
CC KV6 A 8 -2.11 -7.09 -7.81
CO KV6 A 8 -1.82 -8.31 -8.67
H KV6 A 8 2.59 -2.12 -2.66
HA KV6 A 8 4.19 -0.37 -4.37
HG1 KV6 A 8 3.94 -2.67 -5.04
HG2 KV6 A 8 5.63 -2.35 -4.67
HD1 KV6 A 8 5.39 -3.44 -2.52
HD2 KV6 A 8 3.67 -3.70 -2.84
HE1 KV6 A 8 4.27 -5.07 -4.80
HE2 KV6 A 8 5.98 -4.86 -4.39
HZ2 KV6 A 8 5.62 -5.99 -2.26
HZ1 KV6 A 8 5.12 -7.01 -3.60
HH1 KV6 A 8 3.51 -7.11 -1.78
HH2 KV6 A 8 3.30 -5.36 -1.85
HQ2 KV6 A 8 2.44 -5.57 -4.14
HQ1 KV6 A 8 2.63 -7.32 -4.05
HI1 KV6 A 8 1.03 -7.41 -2.21
HI2 KV6 A 8 0.87 -5.65 -2.26
HK1 KV6 A 8 -1.00 -6.73 -3.40
HK2 KV6 A 8 -0.02 -5.79 -4.53
HL2 KV6 A 8 1.09 -7.83 -5.28
HL1 KV6 A 8 0.16 -8.77 -4.12
HM2 KV6 A 8 -0.80 -8.98 -6.34
HM1 KV6 A 8 -1.91 -8.14 -5.26
HP2 KV6 A 8 -2.62 -9.38 -10.34
HP1 KV6 A 8 -2.90 -7.63 -10.38
HP3 KV6 A 8 -3.84 -8.65 -9.29
HB1 KV6 A 8 6.25 -0.98 -2.89
HB2 KV6 A 8 5.05 -1.23 -1.63
HN2 KV6 A 8 -1.25 -5.99 -6.19
HN1 KV6 A 8 -0.08 -6.79 -7.24
HC2 KV6 A 8 -3.06 -7.22 -7.32
HC1 KV6 A 8 -2.14 -6.23 -8.44
HO1 KV6 A 8 -0.86 -8.20 -9.15
HO2 KV6 A 8 -1.81 -9.20 -8.05
#